data_9E8B
#
_entry.id   9E8B
#
_cell.length_a   1.00
_cell.length_b   1.00
_cell.length_c   1.00
_cell.angle_alpha   90.00
_cell.angle_beta   90.00
_cell.angle_gamma   90.00
#
_symmetry.space_group_name_H-M   'P 1'
#
loop_
_entity.id
_entity.type
_entity.pdbx_description
1 polymer 'Integrin alpha-IIb'
2 polymer 'Integrin beta-3'
3 branched beta-D-mannopyranose-(1-4)-2-acetamido-2-deoxy-beta-D-glucopyranose-(1-4)-2-acetamido-2-deoxy-beta-D-glucopyranose
4 branched 2-acetamido-2-deoxy-beta-D-glucopyranose-(1-4)-2-acetamido-2-deoxy-beta-D-glucopyranose-(1-4)-beta-D-mannopyranose
5 non-polymer 'CALCIUM ION'
6 non-polymer 2-acetamido-2-deoxy-beta-D-glucopyranose
7 non-polymer 'MAGNESIUM ION'
#
loop_
_entity_poly.entity_id
_entity_poly.type
_entity_poly.pdbx_seq_one_letter_code
_entity_poly.pdbx_strand_id
1 'polypeptide(L)'
;LNLDPVQLTFYAGPNGSQFGFSLDFHKDSHGRVAIVVGAPRTLGPSQEETGGVFLCPWRAEGGQCPSLLFDLRDETRNVG
SQTLQTFKARQGLGASVVSWSDVIVACAPWQHWNVLEKTEEAEKTPVGSCFLAQPESGRRAEYSPCRGNTLSRIYVENDF
SWDKRYCEAGFSSVVTQAGELVLGAPGGYYFLGLLAQAPVADIFSSYRPGILLWHVSSQSLSFDSSNPEYFDGYWGYSVA
VGEFDGDLNTTEYVVGAPTWSWTLGAVEILDSYYQRLHRLRGEQMASYFGHSVAVTDVNGDGRHDLLVGAPLYMESRADR
KLAEVGRVYLFLQPRGPHALGAPSLLLTGTQLYGRFGSAIAPLGDLDRDGYNDIAVAAPYGGPSGRGQVLVFLGQSEGLR
SRPSQVLDSPFPTGSAFGFSLRGAVDIDDNGYPDLIVGAYGANQVAVYRAQPVVKASVQLLVQDSLNPAVKSCVLPQTKT
PVSCFNIQMCVGATGHNIPQKLSLNAELQLDRQKPRQGRRVLLLGSQQAGTTLNLDLGGKHSPICHTTMAFLRDEADFRD
KLSPIVLSLNVSLPPTEAGMAPAVVLHGDTHVQEQTRIVL
;
A
2 'polypeptide(L)'
;GPNICTTRGVSSCQQCLAVSPMCAWCSDEALPLGSPRCDLKENLLKDNCAPESIEFPVSEARVLEDRPLSDKGSGDSSQV
TQVSPQRIALRLRPDDSKNFSIQVRQVEDYPVDIYYLMDLSYSMKDDLWSIQNLGTKLATQMRKLTSNLRIGFGAFVDKP
VSPYMYISPPEALENPCYDMKTTCLPMFGYKHVLTLTDQVTRFNEEVKKQSVSRNRDAPEGGFDAIMQATVCDEKIGWRN
DASHLLVFTTDAKTHIALDGRLAGIVQPNDGQCHVGSDNHYSASTTMDYPSLGLMTEKLSQKNINLIFAVTENVVNLYQN
YSELIPGTTVGVLSMDSSNVLQLIVDAYGKIRSKVELEVRDLPEELSLSFNATCLNNEVIPGLKSCMGLKIGDTVSFSIE
AKVRGCPQEKEKSFTIKPVGFKDSLIVQVTFDCDCACQAQAEPNSHRCNNGNGTFECGVCRCGPGWLGSQCECSEEDYRP
SQQDECSPREGQPVCSQRGECLCGQC
;
B
#
# COMPACT_ATOMS: atom_id res chain seq x y z
N LEU A 1 -6.80 -4.57 16.50
CA LEU A 1 -8.11 -4.92 17.02
C LEU A 1 -8.39 -4.19 18.32
N ASN A 2 -7.38 -4.14 19.19
CA ASN A 2 -7.52 -3.55 20.52
C ASN A 2 -7.01 -2.12 20.58
N LEU A 3 -6.11 -1.73 19.70
CA LEU A 3 -5.45 -0.42 19.79
C LEU A 3 -6.48 0.68 19.68
N ASP A 4 -6.63 1.44 20.77
CA ASP A 4 -7.59 2.54 20.80
C ASP A 4 -7.09 3.68 19.91
N PRO A 5 -7.83 4.07 18.87
CA PRO A 5 -7.40 5.17 18.02
C PRO A 5 -7.94 6.54 18.42
N VAL A 6 -8.72 6.62 19.50
CA VAL A 6 -9.28 7.89 19.94
C VAL A 6 -8.43 8.53 21.03
N GLN A 7 -7.99 7.73 22.00
CA GLN A 7 -7.13 8.21 23.07
C GLN A 7 -5.68 8.00 22.65
N LEU A 8 -5.11 9.00 22.01
CA LEU A 8 -3.75 8.93 21.49
C LEU A 8 -2.84 9.87 22.27
N THR A 9 -1.63 9.40 22.52
CA THR A 9 -0.61 10.17 23.23
C THR A 9 0.41 10.65 22.20
N PHE A 10 0.66 11.96 22.18
CA PHE A 10 1.52 12.57 21.18
C PHE A 10 2.77 13.12 21.87
N TYR A 11 3.91 12.49 21.61
CA TYR A 11 5.21 12.99 22.04
C TYR A 11 5.81 13.79 20.91
N ALA A 12 6.20 15.04 21.19
CA ALA A 12 6.68 15.95 20.16
C ALA A 12 8.11 16.35 20.45
N GLY A 13 8.96 16.26 19.43
CA GLY A 13 10.31 16.74 19.50
C GLY A 13 10.43 18.11 18.84
N PRO A 14 11.65 18.63 18.73
CA PRO A 14 11.83 19.91 18.05
C PRO A 14 11.43 19.82 16.59
N ASN A 15 10.92 20.94 16.07
CA ASN A 15 10.48 20.97 14.68
C ASN A 15 11.66 20.86 13.74
N GLY A 16 11.48 20.09 12.66
CA GLY A 16 12.54 19.84 11.72
C GLY A 16 13.69 19.05 12.29
N SER A 17 13.40 18.08 13.16
CA SER A 17 14.43 17.25 13.77
C SER A 17 14.25 15.77 13.49
N GLN A 18 13.21 15.39 12.74
CA GLN A 18 12.91 13.98 12.45
C GLN A 18 12.75 13.17 13.73
N PHE A 19 12.11 13.79 14.73
CA PHE A 19 11.81 13.11 15.99
C PHE A 19 10.79 12.01 15.73
N GLY A 20 11.22 10.75 15.84
CA GLY A 20 10.35 9.64 15.56
C GLY A 20 10.90 8.74 14.46
N PHE A 21 12.11 9.06 13.99
CA PHE A 21 12.75 8.25 12.97
C PHE A 21 12.95 6.82 13.45
N SER A 22 13.41 6.69 14.69
CA SER A 22 13.61 5.35 15.29
C SER A 22 13.12 5.41 16.73
N LEU A 23 12.40 4.49 17.22
CA LEU A 23 11.86 4.55 18.61
C LEU A 23 11.94 3.13 19.21
N ASP A 24 12.01 3.02 20.49
CA ASP A 24 12.08 1.70 21.19
C ASP A 24 11.64 1.89 22.63
N PHE A 25 11.28 0.79 23.30
CA PHE A 25 10.87 0.87 24.70
C PHE A 25 12.06 0.64 25.62
N HIS A 26 12.15 1.46 26.66
CA HIS A 26 13.22 1.37 27.65
C HIS A 26 12.60 1.08 29.01
N LYS A 27 13.16 0.10 29.71
CA LYS A 27 12.69 -0.26 31.05
C LYS A 27 13.78 0.08 32.06
N ASP A 28 13.40 0.87 33.07
CA ASP A 28 14.33 1.23 34.13
C ASP A 28 14.52 0.05 35.08
N SER A 29 15.40 0.24 36.06
CA SER A 29 15.56 -0.77 37.11
C SER A 29 14.29 -0.90 37.92
N HIS A 30 13.55 0.20 38.10
CA HIS A 30 12.28 0.16 38.82
C HIS A 30 11.18 -0.51 38.02
N GLY A 31 11.41 -0.79 36.75
CA GLY A 31 10.40 -1.39 35.88
C GLY A 31 9.56 -0.41 35.11
N ARG A 32 9.71 0.89 35.36
CA ARG A 32 8.97 1.88 34.59
C ARG A 32 9.40 1.82 33.12
N VAL A 33 8.43 1.88 32.22
CA VAL A 33 8.69 1.80 30.79
C VAL A 33 8.72 3.21 30.22
N ALA A 34 9.83 3.55 29.57
CA ALA A 34 9.99 4.81 28.87
C ALA A 34 10.22 4.56 27.40
N ILE A 35 10.08 5.61 26.59
CA ILE A 35 10.24 5.52 25.15
C ILE A 35 11.51 6.26 24.76
N VAL A 36 12.43 5.62 24.12
CA VAL A 36 13.65 6.31 23.62
C VAL A 36 13.38 6.64 22.14
N VAL A 37 13.35 7.87 21.77
CA VAL A 37 12.99 8.29 20.38
C VAL A 37 14.22 8.92 19.70
N GLY A 38 14.54 8.46 18.49
CA GLY A 38 15.66 9.01 17.76
C GLY A 38 15.25 10.20 16.94
N ALA A 39 16.04 11.27 17.02
CA ALA A 39 15.81 12.50 16.28
C ALA A 39 17.09 12.82 15.52
N PRO A 40 17.34 12.14 14.40
CA PRO A 40 18.65 12.20 13.75
C PRO A 40 18.98 13.53 13.09
N ARG A 41 18.16 14.56 13.23
CA ARG A 41 18.45 15.86 12.65
C ARG A 41 18.34 16.97 13.68
N THR A 42 18.49 16.63 14.96
CA THR A 42 18.48 17.63 16.01
C THR A 42 19.70 18.53 15.89
N LEU A 43 19.49 19.84 16.08
CA LEU A 43 20.58 20.79 15.98
C LEU A 43 21.59 20.55 17.10
N GLY A 44 22.87 20.57 16.74
CA GLY A 44 23.93 20.40 17.70
C GLY A 44 24.26 21.71 18.40
N PRO A 45 25.32 21.71 19.19
CA PRO A 45 25.71 22.97 19.88
C PRO A 45 26.07 24.09 18.92
N SER A 46 26.64 23.77 17.75
CA SER A 46 27.06 24.77 16.78
C SER A 46 26.06 24.92 15.64
N GLN A 47 24.77 24.73 15.93
CA GLN A 47 23.70 24.89 14.94
C GLN A 47 23.91 24.00 13.72
N GLU A 48 24.38 22.77 13.96
CA GLU A 48 24.55 21.78 12.91
C GLU A 48 23.71 20.55 13.24
N GLU A 49 23.16 19.93 12.20
CA GLU A 49 22.21 18.83 12.37
C GLU A 49 22.96 17.54 12.72
N THR A 50 23.56 17.54 13.91
CA THR A 50 24.26 16.36 14.37
C THR A 50 23.29 15.21 14.62
N GLY A 51 22.34 15.41 15.52
CA GLY A 51 21.40 14.37 15.87
C GLY A 51 21.13 14.37 17.36
N GLY A 52 20.19 13.55 17.81
CA GLY A 52 19.87 13.50 19.21
C GLY A 52 18.94 12.35 19.52
N VAL A 53 18.85 12.03 20.80
CA VAL A 53 18.01 10.95 21.30
C VAL A 53 17.25 11.45 22.52
N PHE A 54 15.94 11.22 22.53
CA PHE A 54 15.06 11.68 23.59
C PHE A 54 14.52 10.49 24.36
N LEU A 55 14.60 10.57 25.69
CA LEU A 55 14.07 9.53 26.57
C LEU A 55 12.73 10.02 27.08
N CYS A 56 11.65 9.47 26.53
CA CYS A 56 10.31 9.96 26.86
C CYS A 56 9.72 9.13 27.98
N PRO A 57 9.49 9.71 29.16
CA PRO A 57 8.76 8.98 30.20
C PRO A 57 7.31 8.80 29.80
N TRP A 58 6.71 7.72 30.28
CA TRP A 58 5.35 7.39 29.89
C TRP A 58 4.36 8.28 30.64
N ARG A 59 3.64 9.11 29.91
CA ARG A 59 2.55 9.91 30.45
C ARG A 59 1.35 9.74 29.54
N ALA A 60 0.16 9.82 30.13
CA ALA A 60 -1.06 9.70 29.34
C ALA A 60 -1.20 10.85 28.35
N GLU A 61 -0.82 12.06 28.75
CA GLU A 61 -0.95 13.22 27.88
C GLU A 61 0.25 13.42 26.96
N GLY A 62 1.42 12.90 27.34
CA GLY A 62 2.59 13.08 26.50
C GLY A 62 3.08 14.51 26.49
N GLY A 63 3.81 14.85 25.42
CA GLY A 63 4.35 16.17 25.26
C GLY A 63 5.84 16.17 24.96
N GLN A 64 6.54 17.19 25.46
CA GLN A 64 7.97 17.25 25.27
C GLN A 64 8.68 16.16 26.07
N CYS A 65 9.90 15.84 25.64
CA CYS A 65 10.70 14.82 26.29
C CYS A 65 12.07 15.37 26.62
N PRO A 66 12.68 14.89 27.71
CA PRO A 66 14.08 15.25 27.97
C PRO A 66 15.00 14.61 26.96
N SER A 67 16.12 15.27 26.72
CA SER A 67 17.10 14.82 25.73
C SER A 67 18.21 14.04 26.42
N LEU A 68 18.50 12.85 25.90
CA LEU A 68 19.58 12.03 26.42
C LEU A 68 20.90 12.56 25.88
N LEU A 69 21.68 13.19 26.74
CA LEU A 69 22.88 13.90 26.29
C LEU A 69 23.95 12.92 25.84
N PHE A 70 24.55 13.21 24.68
CA PHE A 70 25.70 12.47 24.17
C PHE A 70 26.77 13.46 23.78
N ASP A 71 27.97 12.94 23.52
CA ASP A 71 29.08 13.78 23.10
C ASP A 71 28.91 14.14 21.62
N LEU A 72 28.83 15.43 21.33
CA LEU A 72 28.58 15.92 19.98
C LEU A 72 29.71 16.82 19.49
N ARG A 73 30.92 16.60 20.00
CA ARG A 73 32.09 17.38 19.61
C ARG A 73 33.01 16.54 18.74
N ASP A 74 33.48 17.15 17.65
CA ASP A 74 34.45 16.48 16.79
C ASP A 74 35.77 16.29 17.54
N GLU A 75 36.37 15.13 17.35
CA GLU A 75 37.57 14.74 18.09
C GLU A 75 38.76 14.63 17.14
N THR A 76 39.94 14.93 17.66
CA THR A 76 41.18 14.88 16.88
C THR A 76 42.30 14.46 17.82
N ARG A 77 42.85 13.28 17.60
CA ARG A 77 43.93 12.75 18.42
C ARG A 77 45.11 12.40 17.53
N ASN A 78 46.30 12.83 17.94
CA ASN A 78 47.54 12.53 17.22
C ASN A 78 48.21 11.35 17.91
N VAL A 79 48.04 10.16 17.34
CA VAL A 79 48.69 8.95 17.84
C VAL A 79 49.74 8.53 16.82
N GLY A 80 50.99 8.46 17.26
CA GLY A 80 52.07 8.22 16.33
C GLY A 80 52.18 9.35 15.32
N SER A 81 52.47 9.00 14.07
CA SER A 81 52.51 9.98 13.01
C SER A 81 51.14 10.29 12.42
N GLN A 82 50.13 9.48 12.73
CA GLN A 82 48.80 9.67 12.17
C GLN A 82 48.02 10.72 12.97
N THR A 83 46.89 11.14 12.40
CA THR A 83 46.00 12.09 13.05
C THR A 83 44.57 11.60 12.83
N LEU A 84 44.01 10.97 13.85
CA LEU A 84 42.65 10.45 13.76
C LEU A 84 41.64 11.57 13.95
N GLN A 85 40.57 11.54 13.17
CA GLN A 85 39.57 12.59 13.19
C GLN A 85 38.17 12.00 13.08
N THR A 86 37.24 12.55 13.85
CA THR A 86 35.84 12.20 13.77
C THR A 86 35.03 13.44 13.44
N PHE A 87 34.05 13.29 12.56
CA PHE A 87 33.20 14.39 12.11
C PHE A 87 31.76 14.01 12.40
N LYS A 88 31.15 14.69 13.38
CA LYS A 88 29.81 14.36 13.85
C LYS A 88 28.75 15.27 13.24
N ALA A 89 29.12 16.20 12.36
CA ALA A 89 28.12 17.02 11.70
C ALA A 89 27.33 16.17 10.72
N ARG A 90 26.00 16.29 10.80
CA ARG A 90 25.08 15.51 9.96
C ARG A 90 25.33 14.01 10.09
N GLN A 91 25.64 13.58 11.32
CA GLN A 91 25.89 12.16 11.57
C GLN A 91 24.63 11.35 11.75
N GLY A 92 23.49 12.01 11.94
CA GLY A 92 22.24 11.31 12.14
C GLY A 92 22.17 10.49 13.41
N LEU A 93 22.58 11.08 14.52
CA LEU A 93 22.51 10.40 15.81
C LEU A 93 21.05 10.19 16.18
N GLY A 94 20.64 8.94 16.25
CA GLY A 94 19.25 8.58 16.47
C GLY A 94 18.59 7.89 15.30
N ALA A 95 19.30 7.66 14.21
CA ALA A 95 18.72 6.93 13.08
C ALA A 95 18.43 5.48 13.42
N SER A 96 18.96 4.98 14.54
CA SER A 96 18.65 3.64 15.01
C SER A 96 18.87 3.61 16.51
N VAL A 97 17.77 3.43 17.25
CA VAL A 97 17.85 3.36 18.74
C VAL A 97 17.28 2.01 19.20
N VAL A 98 18.07 1.25 19.95
CA VAL A 98 17.64 -0.04 20.49
C VAL A 98 18.03 -0.08 21.96
N SER A 99 17.13 -0.61 22.79
CA SER A 99 17.33 -0.67 24.22
C SER A 99 17.43 -2.12 24.66
N TRP A 100 18.42 -2.43 25.50
CA TRP A 100 18.59 -3.74 26.09
C TRP A 100 18.89 -3.57 27.56
N SER A 101 18.07 -4.18 28.41
CA SER A 101 18.22 -4.06 29.86
C SER A 101 18.29 -2.61 30.29
N ASP A 102 19.41 -2.21 30.89
CA ASP A 102 19.62 -0.84 31.34
C ASP A 102 20.44 -0.02 30.36
N VAL A 103 20.72 -0.56 29.17
CA VAL A 103 21.61 0.07 28.19
C VAL A 103 20.77 0.54 27.01
N ILE A 104 20.98 1.79 26.60
CA ILE A 104 20.29 2.32 25.38
C ILE A 104 21.36 2.51 24.29
N VAL A 105 21.18 1.87 23.14
CA VAL A 105 22.20 1.94 22.05
C VAL A 105 21.67 2.86 20.94
N ALA A 106 22.21 4.08 20.84
CA ALA A 106 21.79 5.04 19.78
C ALA A 106 22.89 5.11 18.72
N CYS A 107 22.57 4.80 17.47
CA CYS A 107 23.63 4.74 16.43
C CYS A 107 23.62 5.99 15.54
N ALA A 108 24.79 6.34 14.97
CA ALA A 108 24.89 7.49 14.04
C ALA A 108 25.51 6.96 12.75
N PRO A 109 24.73 6.29 11.86
CA PRO A 109 25.31 5.64 10.69
C PRO A 109 26.11 6.54 9.76
N TRP A 110 25.87 7.85 9.80
CA TRP A 110 26.52 8.74 8.86
C TRP A 110 27.58 9.63 9.50
N GLN A 111 28.25 9.13 10.54
CA GLN A 111 29.36 9.85 11.12
C GLN A 111 30.62 9.59 10.32
N HIS A 112 31.34 10.65 9.94
CA HIS A 112 32.52 10.48 9.06
C HIS A 112 33.80 10.29 9.89
N TRP A 113 34.85 9.78 9.25
CA TRP A 113 36.13 9.50 9.96
C TRP A 113 37.27 9.58 8.96
N ASN A 114 38.37 10.24 9.33
CA ASN A 114 39.56 10.33 8.43
C ASN A 114 40.84 10.11 9.24
N VAL A 115 41.86 9.51 8.61
CA VAL A 115 43.17 9.31 9.28
C VAL A 115 44.25 10.01 8.46
N LEU A 116 44.70 11.19 8.91
CA LEU A 116 45.71 11.94 8.17
C LEU A 116 47.10 11.47 8.59
N GLU A 117 47.95 11.21 7.61
CA GLU A 117 49.33 10.79 7.85
C GLU A 117 50.20 11.52 6.83
N LYS A 118 50.73 12.68 7.22
CA LYS A 118 51.53 13.54 6.34
C LYS A 118 50.66 13.90 5.14
N THR A 119 51.11 13.68 3.90
CA THR A 119 50.29 14.02 2.75
C THR A 119 49.17 13.02 2.52
N GLU A 120 49.42 11.74 2.80
CA GLU A 120 48.41 10.69 2.54
C GLU A 120 47.26 10.79 3.56
N GLU A 121 46.13 10.14 3.27
CA GLU A 121 44.96 10.16 4.19
C GLU A 121 44.18 8.85 4.01
N ALA A 122 43.19 8.60 4.86
CA ALA A 122 42.35 7.38 4.74
C ALA A 122 41.02 7.75 4.09
N GLU A 123 40.83 9.02 3.73
CA GLU A 123 39.57 9.51 3.10
C GLU A 123 38.49 9.70 4.17
N LYS A 124 37.80 10.85 4.15
CA LYS A 124 36.70 11.08 5.12
C LYS A 124 35.49 10.26 4.67
N THR A 125 35.29 9.07 5.25
CA THR A 125 34.20 8.18 4.81
C THR A 125 33.25 7.95 5.96
N PRO A 126 31.94 7.74 5.71
CA PRO A 126 30.98 7.58 6.77
C PRO A 126 31.11 6.23 7.46
N VAL A 127 32.19 6.03 8.21
CA VAL A 127 32.42 4.68 8.82
C VAL A 127 31.18 4.33 9.66
N GLY A 128 30.53 5.32 10.25
CA GLY A 128 29.36 5.07 11.11
C GLY A 128 29.80 4.74 12.52
N SER A 129 29.03 5.19 13.51
CA SER A 129 29.38 4.92 14.94
C SER A 129 28.10 4.72 15.74
N CYS A 130 28.18 3.99 16.86
CA CYS A 130 26.98 3.84 17.72
C CYS A 130 27.34 4.23 19.17
N PHE A 131 26.51 5.06 19.79
CA PHE A 131 26.79 5.53 21.17
C PHE A 131 25.94 4.73 22.15
N LEU A 132 26.58 4.00 23.06
CA LEU A 132 25.85 3.21 24.09
C LEU A 132 25.71 4.08 25.34
N ALA A 133 24.61 3.93 26.09
CA ALA A 133 24.39 4.83 27.26
C ALA A 133 23.57 4.15 28.35
N GLN A 134 23.94 4.37 29.61
CA GLN A 134 23.16 3.88 30.73
C GLN A 134 22.54 5.09 31.42
N PRO A 135 21.29 5.46 31.09
CA PRO A 135 20.73 6.71 31.61
C PRO A 135 20.62 6.76 33.12
N GLU A 136 20.41 5.62 33.80
CA GLU A 136 20.27 5.62 35.24
C GLU A 136 21.60 5.77 35.98
N SER A 137 22.73 5.58 35.30
CA SER A 137 24.03 5.71 35.92
C SER A 137 24.96 6.69 35.23
N GLY A 138 24.62 7.17 34.03
CA GLY A 138 25.44 8.13 33.34
C GLY A 138 26.64 7.57 32.62
N ARG A 139 26.76 6.25 32.51
CA ARG A 139 27.89 5.64 31.83
C ARG A 139 27.70 5.75 30.33
N ARG A 140 28.66 6.41 29.66
CA ARG A 140 28.63 6.60 28.22
C ARG A 140 29.76 5.83 27.58
N ALA A 141 29.46 5.16 26.46
CA ALA A 141 30.50 4.40 25.72
C ALA A 141 30.17 4.50 24.23
N GLU A 142 31.14 4.18 23.37
CA GLU A 142 30.92 4.23 21.90
C GLU A 142 31.36 2.90 21.29
N TYR A 143 30.80 2.55 20.12
CA TYR A 143 31.21 1.31 19.42
C TYR A 143 31.30 1.60 17.94
N SER A 144 32.51 1.86 17.43
CA SER A 144 32.68 2.06 15.97
C SER A 144 33.61 0.95 15.45
N PRO A 145 33.07 -0.22 15.02
CA PRO A 145 33.90 -1.35 14.61
C PRO A 145 34.59 -1.18 13.28
N CYS A 146 34.15 -0.22 12.45
CA CYS A 146 34.67 -0.07 11.11
C CYS A 146 35.68 1.06 10.97
N ARG A 147 36.11 1.66 12.08
CA ARG A 147 37.19 2.62 12.02
C ARG A 147 38.51 1.92 11.75
N GLY A 148 39.36 2.54 10.93
CA GLY A 148 40.65 1.97 10.62
C GLY A 148 41.67 3.07 10.34
N ASN A 149 42.94 2.70 10.45
CA ASN A 149 44.04 3.61 10.17
C ASN A 149 44.74 3.30 8.86
N THR A 150 44.18 2.39 8.06
CA THR A 150 44.77 2.07 6.76
C THR A 150 44.60 3.23 5.81
N LEU A 151 45.69 3.62 5.14
CA LEU A 151 45.63 4.77 4.20
C LEU A 151 44.95 4.33 2.89
N SER A 152 44.41 5.28 2.13
CA SER A 152 43.67 4.94 0.88
C SER A 152 44.57 4.15 -0.08
N ARG A 153 45.81 4.60 -0.25
CA ARG A 153 46.74 3.95 -1.22
C ARG A 153 46.71 2.42 -1.01
N ILE A 154 46.67 1.97 0.25
CA ILE A 154 46.76 0.53 0.48
C ILE A 154 45.54 -0.18 -0.07
N TYR A 155 44.36 0.43 0.08
CA TYR A 155 43.14 -0.20 -0.43
C TYR A 155 43.18 -0.34 -1.94
N VAL A 156 43.74 0.64 -2.65
CA VAL A 156 43.83 0.56 -4.10
C VAL A 156 44.69 -0.63 -4.52
N GLU A 157 45.82 -0.83 -3.84
CA GLU A 157 46.69 -1.95 -4.18
C GLU A 157 46.04 -3.29 -3.87
N ASN A 158 45.11 -3.32 -2.92
CA ASN A 158 44.44 -4.55 -2.53
C ASN A 158 43.10 -4.75 -3.20
N ASP A 159 42.79 -3.95 -4.23
CA ASP A 159 41.49 -3.98 -4.90
C ASP A 159 40.35 -3.77 -3.90
N PHE A 160 40.56 -2.86 -2.95
CA PHE A 160 39.56 -2.50 -1.95
C PHE A 160 39.08 -3.72 -1.17
N SER A 161 40.01 -4.59 -0.79
CA SER A 161 39.68 -5.75 0.02
C SER A 161 39.57 -5.33 1.49
N TRP A 162 38.53 -5.83 2.15
CA TRP A 162 38.25 -5.48 3.55
C TRP A 162 38.14 -3.97 3.73
N ASP A 163 37.45 -3.33 2.79
CA ASP A 163 37.29 -1.88 2.80
C ASP A 163 36.06 -1.55 3.65
N LYS A 164 36.28 -1.35 4.95
CA LYS A 164 35.16 -1.07 5.89
C LYS A 164 35.02 0.45 6.06
N ARG A 165 35.52 1.22 5.10
CA ARG A 165 35.48 2.71 5.24
C ARG A 165 34.06 3.22 5.08
N TYR A 166 33.24 2.59 4.22
CA TYR A 166 31.87 3.14 3.97
C TYR A 166 30.81 2.35 4.75
N CYS A 167 31.20 1.83 6.01
CA CYS A 167 30.32 0.86 6.66
C CYS A 167 28.96 1.45 6.97
N GLU A 168 28.96 2.65 7.54
CA GLU A 168 27.68 3.24 8.01
C GLU A 168 27.12 2.29 9.07
N ALA A 169 28.00 1.78 9.94
CA ALA A 169 27.58 0.84 11.00
C ALA A 169 26.52 1.51 11.88
N GLY A 170 25.51 0.75 12.27
CA GLY A 170 24.41 1.33 13.08
C GLY A 170 23.21 1.60 12.22
N PHE A 171 23.34 1.50 10.90
CA PHE A 171 22.17 1.66 10.00
C PHE A 171 21.04 0.86 10.59
N SER A 172 21.32 -0.38 10.98
CA SER A 172 20.31 -1.20 11.64
C SER A 172 20.97 -1.90 12.82
N SER A 173 20.34 -1.85 13.98
CA SER A 173 20.91 -2.40 15.19
C SER A 173 19.91 -3.31 15.87
N VAL A 174 20.42 -4.36 16.52
CA VAL A 174 19.60 -5.28 17.29
C VAL A 174 20.48 -5.91 18.37
N VAL A 175 19.90 -6.21 19.52
CA VAL A 175 20.60 -6.81 20.63
C VAL A 175 19.97 -8.16 20.93
N THR A 176 20.80 -9.19 20.99
CA THR A 176 20.32 -10.53 21.30
C THR A 176 20.00 -10.63 22.78
N GLN A 177 19.36 -11.75 23.17
CA GLN A 177 19.00 -11.95 24.56
C GLN A 177 20.21 -12.02 25.47
N ALA A 178 21.29 -12.70 25.02
CA ALA A 178 22.48 -12.81 25.84
C ALA A 178 23.14 -11.45 26.07
N GLY A 179 22.90 -10.49 25.18
CA GLY A 179 23.46 -9.17 25.34
C GLY A 179 24.50 -8.81 24.30
N GLU A 180 24.42 -9.46 23.14
CA GLU A 180 25.33 -9.18 22.04
C GLU A 180 24.69 -8.15 21.12
N LEU A 181 25.37 -7.02 20.94
CA LEU A 181 24.86 -5.96 20.08
C LEU A 181 25.27 -6.24 18.64
N VAL A 182 24.29 -6.46 17.77
CA VAL A 182 24.57 -6.75 16.33
C VAL A 182 24.27 -5.51 15.51
N LEU A 183 25.31 -4.84 15.00
CA LEU A 183 25.13 -3.60 14.19
C LEU A 183 25.06 -3.96 12.71
N GLY A 184 24.26 -3.23 11.94
CA GLY A 184 24.16 -3.47 10.48
C GLY A 184 24.93 -2.42 9.72
N ALA A 185 25.79 -2.82 8.80
CA ALA A 185 26.62 -1.89 8.04
C ALA A 185 26.46 -2.21 6.55
N PRO A 186 25.40 -1.69 5.92
CA PRO A 186 25.15 -2.02 4.51
C PRO A 186 26.27 -1.57 3.57
N GLY A 187 27.00 -0.52 3.92
CA GLY A 187 28.07 -0.06 3.07
C GLY A 187 29.42 -0.68 3.33
N GLY A 188 29.49 -1.68 4.21
CA GLY A 188 30.75 -2.31 4.50
C GLY A 188 31.26 -3.15 3.33
N TYR A 189 32.58 -3.32 3.30
CA TYR A 189 33.25 -4.07 2.24
C TYR A 189 32.91 -3.51 0.86
N TYR A 190 33.00 -2.19 0.76
CA TYR A 190 32.67 -1.45 -0.47
C TYR A 190 31.23 -1.71 -0.89
N PHE A 191 30.30 -1.33 -0.01
CA PHE A 191 28.86 -1.39 -0.25
C PHE A 191 28.37 -2.81 -0.49
N LEU A 192 29.19 -3.82 -0.17
CA LEU A 192 28.74 -5.20 -0.27
C LEU A 192 27.79 -5.56 0.86
N GLY A 193 28.04 -5.02 2.05
CA GLY A 193 27.20 -5.32 3.20
C GLY A 193 28.02 -5.98 4.29
N LEU A 194 27.85 -5.49 5.51
CA LEU A 194 28.64 -5.94 6.64
C LEU A 194 27.75 -6.09 7.87
N LEU A 195 28.17 -6.95 8.79
CA LEU A 195 27.49 -7.16 10.06
C LEU A 195 28.54 -7.27 11.16
N ALA A 196 28.42 -6.42 12.17
CA ALA A 196 29.36 -6.39 13.28
C ALA A 196 28.62 -6.68 14.58
N GLN A 197 29.17 -7.57 15.39
CA GLN A 197 28.57 -7.98 16.65
C GLN A 197 29.62 -7.93 17.75
N ALA A 198 29.25 -7.38 18.90
CA ALA A 198 30.10 -7.33 20.07
C ALA A 198 29.23 -7.27 21.31
N PRO A 199 29.61 -7.97 22.38
CA PRO A 199 28.83 -7.92 23.61
C PRO A 199 28.78 -6.52 24.18
N VAL A 200 27.62 -6.17 24.74
CA VAL A 200 27.44 -4.84 25.31
C VAL A 200 28.33 -4.66 26.53
N ALA A 201 28.50 -5.72 27.32
CA ALA A 201 29.37 -5.64 28.49
C ALA A 201 30.81 -5.37 28.09
N ASP A 202 31.29 -5.99 27.00
CA ASP A 202 32.65 -5.78 26.55
C ASP A 202 32.86 -4.42 25.88
N ILE A 203 31.81 -3.86 25.28
CA ILE A 203 31.92 -2.51 24.71
C ILE A 203 32.17 -1.49 25.81
N PHE A 204 31.42 -1.60 26.91
CA PHE A 204 31.57 -0.65 28.01
C PHE A 204 32.93 -0.79 28.68
N SER A 205 33.39 -2.04 28.88
CA SER A 205 34.65 -2.27 29.58
C SER A 205 35.86 -1.93 28.74
N SER A 206 35.73 -1.91 27.42
CA SER A 206 36.85 -1.65 26.52
C SER A 206 36.92 -0.19 26.08
N TYR A 207 35.85 0.58 26.22
CA TYR A 207 35.81 1.94 25.73
C TYR A 207 36.63 2.84 26.64
N ARG A 208 37.65 3.48 26.09
CA ARG A 208 38.45 4.47 26.80
C ARG A 208 38.18 5.84 26.20
N PRO A 209 37.69 6.81 26.98
CA PRO A 209 37.48 8.15 26.43
C PRO A 209 38.77 8.76 25.93
N GLY A 210 38.68 9.48 24.82
CA GLY A 210 39.84 10.10 24.22
C GLY A 210 40.49 9.25 23.15
N ILE A 211 40.40 7.94 23.29
CA ILE A 211 40.95 7.01 22.31
C ILE A 211 39.91 6.82 21.21
N LEU A 212 40.29 7.18 19.98
CA LEU A 212 39.36 7.15 18.87
C LEU A 212 39.36 5.82 18.13
N LEU A 213 40.50 5.16 18.04
CA LEU A 213 40.61 3.87 17.36
C LEU A 213 41.02 2.81 18.37
N TRP A 214 40.11 1.89 18.65
CA TRP A 214 40.39 0.78 19.57
C TRP A 214 39.66 -0.45 19.07
N HIS A 215 40.13 -1.61 19.52
CA HIS A 215 39.57 -2.89 19.10
C HIS A 215 38.94 -3.59 20.30
N VAL A 216 37.68 -3.98 20.16
CA VAL A 216 37.02 -4.80 21.17
C VAL A 216 37.43 -6.24 20.93
N SER A 217 38.08 -6.85 21.92
CA SER A 217 38.72 -8.15 21.73
C SER A 217 37.73 -9.29 21.49
N SER A 218 36.45 -9.10 21.78
CA SER A 218 35.46 -10.15 21.62
C SER A 218 34.50 -9.92 20.46
N GLN A 219 34.76 -8.92 19.62
CA GLN A 219 33.87 -8.64 18.52
C GLN A 219 34.13 -9.58 17.35
N SER A 220 33.13 -9.69 16.48
CA SER A 220 33.23 -10.50 15.27
C SER A 220 32.50 -9.79 14.14
N LEU A 221 33.06 -9.86 12.95
CA LEU A 221 32.51 -9.20 11.78
C LEU A 221 32.31 -10.20 10.66
N SER A 222 31.40 -9.87 9.75
CA SER A 222 31.13 -10.72 8.59
C SER A 222 32.33 -10.74 7.65
N PHE A 223 32.23 -11.56 6.62
CA PHE A 223 33.33 -11.79 5.70
C PHE A 223 33.03 -11.17 4.35
N ASP A 224 34.06 -10.57 3.75
CA ASP A 224 33.94 -10.05 2.40
C ASP A 224 33.80 -11.19 1.40
N SER A 225 33.01 -10.96 0.36
CA SER A 225 32.70 -11.97 -0.63
C SER A 225 33.07 -11.49 -2.03
N SER A 226 33.56 -12.41 -2.85
CA SER A 226 33.85 -12.13 -4.25
C SER A 226 32.72 -12.54 -5.18
N ASN A 227 31.61 -13.02 -4.64
CA ASN A 227 30.48 -13.40 -5.46
C ASN A 227 29.79 -12.16 -6.00
N PRO A 228 29.64 -12.02 -7.31
CA PRO A 228 29.01 -10.80 -7.86
C PRO A 228 27.57 -10.62 -7.43
N GLU A 229 26.89 -11.67 -6.96
CA GLU A 229 25.52 -11.51 -6.50
C GLU A 229 25.44 -10.59 -5.29
N TYR A 230 26.48 -10.58 -4.45
CA TYR A 230 26.47 -9.77 -3.24
C TYR A 230 26.84 -8.31 -3.49
N PHE A 231 27.38 -7.98 -4.66
CA PHE A 231 27.86 -6.63 -4.91
C PHE A 231 26.71 -5.63 -4.83
N ASP A 232 26.95 -4.52 -4.13
CA ASP A 232 25.96 -3.48 -3.92
C ASP A 232 24.66 -4.03 -3.33
N GLY A 233 24.77 -5.11 -2.55
CA GLY A 233 23.59 -5.74 -1.99
C GLY A 233 23.05 -5.08 -0.76
N TYR A 234 23.81 -4.18 -0.14
CA TYR A 234 23.43 -3.52 1.10
C TYR A 234 23.03 -4.55 2.16
N TRP A 235 23.88 -5.56 2.29
CA TRP A 235 23.65 -6.67 3.22
C TRP A 235 23.81 -6.18 4.65
N GLY A 236 22.69 -5.88 5.30
CA GLY A 236 22.73 -5.30 6.62
C GLY A 236 21.79 -4.12 6.74
N TYR A 237 20.96 -3.93 5.70
CA TYR A 237 19.97 -2.87 5.73
C TYR A 237 19.00 -3.04 6.90
N SER A 238 18.57 -4.28 7.13
CA SER A 238 17.74 -4.63 8.28
C SER A 238 18.30 -5.90 8.90
N VAL A 239 18.34 -5.93 10.23
CA VAL A 239 18.90 -7.05 10.97
C VAL A 239 17.90 -7.47 12.04
N ALA A 240 17.76 -8.78 12.23
CA ALA A 240 16.89 -9.32 13.26
C ALA A 240 17.50 -10.61 13.79
N VAL A 241 17.12 -10.97 15.01
CA VAL A 241 17.63 -12.17 15.66
C VAL A 241 16.46 -13.11 15.95
N GLY A 242 16.79 -14.39 16.04
CA GLY A 242 15.78 -15.39 16.32
C GLY A 242 16.41 -16.76 16.38
N GLU A 243 15.56 -17.77 16.62
CA GLU A 243 15.98 -19.15 16.68
C GLU A 243 15.44 -19.87 15.45
N PHE A 244 16.34 -20.43 14.65
CA PHE A 244 15.94 -21.05 13.38
C PHE A 244 16.68 -22.35 13.09
N ASP A 245 17.39 -22.94 14.05
CA ASP A 245 18.17 -24.13 13.74
C ASP A 245 18.08 -25.21 14.81
N GLY A 246 17.12 -25.14 15.72
CA GLY A 246 16.99 -26.18 16.73
C GLY A 246 17.43 -25.74 18.12
N ASP A 247 18.63 -26.14 18.53
CA ASP A 247 19.10 -25.88 19.89
C ASP A 247 19.14 -24.39 20.16
N LEU A 248 18.77 -24.02 21.39
CA LEU A 248 18.64 -22.62 21.77
C LEU A 248 19.89 -22.04 22.40
N ASN A 249 20.98 -22.81 22.49
CA ASN A 249 22.23 -22.25 22.99
C ASN A 249 22.88 -21.33 21.97
N THR A 250 22.44 -21.38 20.71
CA THR A 250 22.99 -20.54 19.65
C THR A 250 21.88 -19.67 19.10
N THR A 251 22.18 -18.38 18.91
CA THR A 251 21.23 -17.47 18.30
C THR A 251 21.54 -17.31 16.82
N GLU A 252 20.49 -17.08 16.03
CA GLU A 252 20.60 -16.93 14.59
C GLU A 252 20.21 -15.51 14.19
N TYR A 253 20.97 -14.94 13.26
CA TYR A 253 20.72 -13.60 12.77
C TYR A 253 19.95 -13.65 11.46
N VAL A 254 19.07 -12.68 11.26
CA VAL A 254 18.31 -12.53 10.03
C VAL A 254 18.69 -11.18 9.43
N VAL A 255 19.32 -11.21 8.26
CA VAL A 255 19.89 -10.03 7.63
C VAL A 255 19.16 -9.77 6.32
N GLY A 256 18.74 -8.53 6.11
CA GLY A 256 18.06 -8.14 4.90
C GLY A 256 19.01 -7.48 3.93
N ALA A 257 19.12 -8.06 2.74
CA ALA A 257 19.91 -7.49 1.65
C ALA A 257 18.97 -7.05 0.54
N PRO A 258 18.41 -5.84 0.62
CA PRO A 258 17.33 -5.46 -0.30
C PRO A 258 17.74 -5.35 -1.76
N THR A 259 19.02 -5.20 -2.06
CA THR A 259 19.48 -5.10 -3.44
C THR A 259 20.40 -6.27 -3.81
N TRP A 260 20.22 -7.40 -3.14
CA TRP A 260 21.04 -8.58 -3.42
C TRP A 260 20.76 -9.10 -4.82
N SER A 261 21.81 -9.48 -5.53
CA SER A 261 21.74 -10.05 -6.87
C SER A 261 21.00 -9.12 -7.83
N TRP A 262 21.60 -7.95 -8.03
CA TRP A 262 21.11 -6.95 -8.98
C TRP A 262 19.68 -6.51 -8.63
N THR A 263 19.56 -5.91 -7.44
CA THR A 263 18.32 -5.32 -6.94
C THR A 263 17.19 -6.34 -6.81
N LEU A 264 17.49 -7.64 -6.88
CA LEU A 264 16.48 -8.64 -6.62
C LEU A 264 16.08 -8.67 -5.14
N GLY A 265 17.06 -8.58 -4.26
CA GLY A 265 16.79 -8.60 -2.83
C GLY A 265 16.82 -10.00 -2.27
N ALA A 266 17.25 -10.10 -1.01
CA ALA A 266 17.32 -11.39 -0.34
C ALA A 266 17.32 -11.18 1.16
N VAL A 267 16.98 -12.25 1.89
CA VAL A 267 17.02 -12.21 3.38
C VAL A 267 17.71 -13.49 3.85
N GLU A 268 18.93 -13.39 4.37
CA GLU A 268 19.70 -14.62 4.73
C GLU A 268 19.64 -14.86 6.25
N ILE A 269 19.48 -16.11 6.66
CA ILE A 269 19.50 -16.44 8.12
C ILE A 269 20.85 -17.11 8.42
N LEU A 270 21.62 -16.57 9.35
CA LEU A 270 22.98 -17.10 9.63
C LEU A 270 23.15 -17.34 11.14
N ASP A 271 24.07 -18.23 11.52
CA ASP A 271 24.34 -18.47 12.94
C ASP A 271 25.23 -17.35 13.48
N SER A 272 25.75 -17.55 14.69
CA SER A 272 26.57 -16.53 15.32
C SER A 272 27.90 -16.32 14.59
N TYR A 273 28.32 -17.27 13.76
CA TYR A 273 29.57 -17.18 13.03
C TYR A 273 29.38 -16.71 11.59
N TYR A 274 28.18 -16.20 11.27
CA TYR A 274 27.88 -15.64 9.95
C TYR A 274 27.98 -16.68 8.85
N GLN A 275 27.74 -17.94 9.18
CA GLN A 275 27.63 -18.99 8.17
C GLN A 275 26.18 -19.07 7.73
N ARG A 276 25.93 -18.87 6.44
CA ARG A 276 24.57 -18.81 5.93
C ARG A 276 23.90 -20.18 6.08
N LEU A 277 22.73 -20.19 6.72
CA LEU A 277 21.94 -21.40 6.87
C LEU A 277 20.89 -21.52 5.77
N HIS A 278 20.18 -20.43 5.50
CA HIS A 278 19.12 -20.41 4.50
C HIS A 278 19.01 -19.00 3.95
N ARG A 279 18.80 -18.91 2.63
CA ARG A 279 18.62 -17.63 1.96
C ARG A 279 17.25 -17.60 1.31
N LEU A 280 16.54 -16.48 1.45
CA LEU A 280 15.23 -16.28 0.86
C LEU A 280 15.34 -15.23 -0.23
N ARG A 281 15.28 -15.66 -1.48
CA ARG A 281 15.42 -14.76 -2.60
C ARG A 281 14.18 -13.89 -2.75
N GLY A 282 14.38 -12.71 -3.33
CA GLY A 282 13.27 -11.83 -3.59
C GLY A 282 12.38 -12.33 -4.71
N GLU A 283 11.18 -11.77 -4.78
CA GLU A 283 10.19 -12.16 -5.78
C GLU A 283 10.18 -11.25 -6.99
N GLN A 284 10.36 -9.94 -6.79
CA GLN A 284 10.29 -8.96 -7.86
C GLN A 284 11.53 -8.09 -7.84
N MET A 285 11.98 -7.70 -9.01
CA MET A 285 13.13 -6.83 -9.13
C MET A 285 12.80 -5.43 -8.60
N ALA A 286 13.76 -4.85 -7.86
CA ALA A 286 13.63 -3.51 -7.31
C ALA A 286 12.44 -3.37 -6.36
N SER A 287 11.97 -4.49 -5.82
CA SER A 287 10.91 -4.49 -4.82
C SER A 287 11.44 -4.24 -3.41
N TYR A 288 12.77 -4.19 -3.26
CA TYR A 288 13.40 -3.93 -1.93
C TYR A 288 13.03 -5.06 -0.95
N PHE A 289 13.05 -6.30 -1.43
CA PHE A 289 12.79 -7.46 -0.58
C PHE A 289 13.88 -7.54 0.48
N GLY A 290 13.53 -7.28 1.72
CA GLY A 290 14.49 -7.22 2.81
C GLY A 290 14.66 -5.86 3.44
N HIS A 291 13.89 -4.86 3.02
CA HIS A 291 13.95 -3.55 3.64
C HIS A 291 13.58 -3.62 5.11
N SER A 292 12.61 -4.46 5.45
CA SER A 292 12.22 -4.71 6.82
C SER A 292 12.13 -6.20 7.07
N VAL A 293 12.63 -6.64 8.22
CA VAL A 293 12.52 -8.02 8.65
C VAL A 293 12.01 -8.04 10.08
N ALA A 294 11.31 -9.12 10.43
CA ALA A 294 10.79 -9.30 11.77
C ALA A 294 10.68 -10.79 12.05
N VAL A 295 11.02 -11.18 13.27
CA VAL A 295 11.01 -12.58 13.68
C VAL A 295 10.06 -12.72 14.85
N THR A 296 9.00 -13.50 14.67
CA THR A 296 8.04 -13.76 15.72
C THR A 296 7.27 -15.02 15.37
N ASP A 297 6.74 -15.68 16.40
CA ASP A 297 5.97 -16.91 16.22
C ASP A 297 4.51 -16.54 16.10
N VAL A 298 4.03 -16.42 14.86
CA VAL A 298 2.65 -15.98 14.64
C VAL A 298 1.67 -17.14 14.81
N ASN A 299 2.01 -18.34 14.35
CA ASN A 299 1.09 -19.46 14.38
C ASN A 299 1.13 -20.25 15.67
N GLY A 300 1.93 -19.81 16.65
CA GLY A 300 1.94 -20.42 17.97
C GLY A 300 2.35 -21.87 18.00
N ASP A 301 3.28 -22.28 17.16
CA ASP A 301 3.82 -23.63 17.18
C ASP A 301 5.07 -23.76 18.04
N GLY A 302 5.52 -22.65 18.64
CA GLY A 302 6.75 -22.64 19.40
C GLY A 302 7.99 -22.36 18.58
N ARG A 303 7.86 -22.24 17.27
CA ARG A 303 8.99 -22.01 16.37
C ARG A 303 8.83 -20.65 15.71
N HIS A 304 9.90 -19.86 15.73
CA HIS A 304 9.85 -18.50 15.22
C HIS A 304 9.55 -18.49 13.72
N ASP A 305 8.80 -17.49 13.29
CA ASP A 305 8.44 -17.32 11.89
C ASP A 305 8.97 -15.97 11.41
N LEU A 306 9.33 -15.91 10.14
CA LEU A 306 10.02 -14.76 9.57
C LEU A 306 9.09 -13.97 8.68
N LEU A 307 9.11 -12.65 8.84
CA LEU A 307 8.33 -11.73 8.01
C LEU A 307 9.27 -10.78 7.29
N VAL A 308 9.11 -10.65 5.98
CA VAL A 308 9.98 -9.83 5.15
C VAL A 308 9.11 -8.80 4.43
N GLY A 309 9.55 -7.54 4.46
CA GLY A 309 8.82 -6.45 3.82
C GLY A 309 9.47 -6.07 2.50
N ALA A 310 8.62 -5.81 1.51
CA ALA A 310 9.05 -5.36 0.18
C ALA A 310 8.25 -4.10 -0.15
N PRO A 311 8.65 -2.95 0.38
CA PRO A 311 7.81 -1.75 0.28
C PRO A 311 7.54 -1.29 -1.14
N LEU A 312 8.42 -1.58 -2.10
CA LEU A 312 8.27 -1.10 -3.46
C LEU A 312 7.74 -2.17 -4.41
N TYR A 313 7.21 -3.26 -3.87
CA TYR A 313 6.67 -4.32 -4.71
C TYR A 313 5.51 -3.79 -5.55
N MET A 314 5.51 -4.14 -6.83
CA MET A 314 4.49 -3.72 -7.78
C MET A 314 3.62 -4.93 -8.11
N GLU A 315 2.32 -4.81 -7.84
CA GLU A 315 1.38 -5.91 -8.05
C GLU A 315 0.74 -5.80 -9.42
N SER A 316 0.19 -6.93 -9.88
CA SER A 316 -0.52 -7.01 -11.15
C SER A 316 -2.00 -6.82 -10.86
N ARG A 317 -2.51 -5.62 -11.16
CA ARG A 317 -3.90 -5.28 -10.87
C ARG A 317 -4.86 -5.68 -11.98
N ALA A 318 -4.37 -6.24 -13.08
CA ALA A 318 -5.16 -6.60 -14.26
C ALA A 318 -5.80 -5.38 -14.93
N ASP A 319 -5.46 -4.18 -14.48
CA ASP A 319 -5.92 -2.95 -15.11
C ASP A 319 -4.71 -2.05 -15.38
N ARG A 320 -3.69 -2.19 -14.54
CA ARG A 320 -2.41 -1.51 -14.71
C ARG A 320 -1.24 -2.48 -14.73
N LYS A 321 -1.36 -3.61 -14.03
CA LYS A 321 -0.42 -4.72 -14.06
C LYS A 321 0.88 -4.41 -13.35
N LEU A 322 1.09 -3.14 -12.98
CA LEU A 322 2.27 -2.75 -12.21
C LEU A 322 1.84 -1.58 -11.34
N ALA A 323 1.45 -1.86 -10.10
CA ALA A 323 1.05 -0.83 -9.15
C ALA A 323 1.94 -0.95 -7.92
N GLU A 324 2.69 0.12 -7.63
CA GLU A 324 3.61 0.12 -6.51
C GLU A 324 2.82 0.22 -5.22
N VAL A 325 2.57 -0.93 -4.58
CA VAL A 325 1.79 -1.00 -3.36
C VAL A 325 2.63 -1.50 -2.18
N GLY A 326 3.51 -2.45 -2.41
CA GLY A 326 4.28 -3.06 -1.35
C GLY A 326 3.70 -4.40 -0.95
N ARG A 327 4.54 -5.24 -0.37
CA ARG A 327 4.11 -6.58 0.02
C ARG A 327 4.93 -7.04 1.21
N VAL A 328 4.30 -7.87 2.06
CA VAL A 328 4.96 -8.49 3.20
C VAL A 328 4.87 -10.00 3.03
N TYR A 329 6.01 -10.67 3.14
CA TYR A 329 6.10 -12.11 2.97
C TYR A 329 6.20 -12.77 4.34
N LEU A 330 5.43 -13.82 4.55
CA LEU A 330 5.44 -14.57 5.80
C LEU A 330 5.94 -15.98 5.55
N PHE A 331 6.95 -16.39 6.30
CA PHE A 331 7.56 -17.71 6.19
C PHE A 331 7.38 -18.44 7.51
N LEU A 332 6.69 -19.57 7.49
CA LEU A 332 6.46 -20.38 8.68
C LEU A 332 7.55 -21.44 8.77
N GLN A 333 8.21 -21.51 9.91
CA GLN A 333 9.31 -22.45 10.09
C GLN A 333 8.74 -23.87 10.21
N PRO A 334 9.14 -24.79 9.35
CA PRO A 334 8.61 -26.16 9.44
C PRO A 334 9.28 -26.98 10.52
N ARG A 335 8.96 -28.27 10.58
CA ARG A 335 9.55 -29.14 11.59
C ARG A 335 11.07 -29.23 11.41
N GLY A 336 11.52 -29.40 10.18
CA GLY A 336 12.93 -29.51 9.90
C GLY A 336 13.67 -28.20 10.07
N PRO A 337 14.96 -28.27 10.42
CA PRO A 337 15.75 -27.04 10.61
C PRO A 337 15.88 -26.23 9.33
N HIS A 338 16.39 -26.86 8.28
CA HIS A 338 16.60 -26.19 6.99
C HIS A 338 15.50 -26.63 6.05
N ALA A 339 14.30 -26.09 6.27
CA ALA A 339 13.14 -26.50 5.48
C ALA A 339 12.25 -25.33 5.07
N LEU A 340 12.64 -24.09 5.35
CA LEU A 340 11.85 -22.95 4.91
C LEU A 340 11.77 -22.92 3.40
N GLY A 341 10.58 -22.66 2.86
CA GLY A 341 10.38 -22.68 1.44
C GLY A 341 9.61 -21.48 0.92
N ALA A 342 8.55 -21.74 0.17
CA ALA A 342 7.73 -20.67 -0.37
C ALA A 342 7.02 -19.92 0.76
N PRO A 343 6.76 -18.63 0.58
CA PRO A 343 6.04 -17.87 1.60
C PRO A 343 4.67 -18.48 1.86
N SER A 344 4.28 -18.50 3.14
CA SER A 344 2.98 -19.03 3.52
C SER A 344 1.85 -18.03 3.40
N LEU A 345 2.18 -16.75 3.20
CA LEU A 345 1.17 -15.71 3.09
C LEU A 345 1.80 -14.49 2.43
N LEU A 346 1.03 -13.84 1.56
CA LEU A 346 1.48 -12.66 0.84
C LEU A 346 0.54 -11.51 1.14
N LEU A 347 0.93 -10.64 2.06
CA LEU A 347 0.14 -9.47 2.41
C LEU A 347 0.56 -8.32 1.51
N THR A 348 -0.32 -7.92 0.60
CA THR A 348 -0.04 -6.88 -0.38
C THR A 348 -0.81 -5.61 -0.04
N GLY A 349 -0.16 -4.47 -0.19
CA GLY A 349 -0.81 -3.21 0.08
C GLY A 349 -1.85 -2.88 -0.98
N THR A 350 -2.65 -1.86 -0.67
CA THR A 350 -3.73 -1.45 -1.55
C THR A 350 -3.56 -0.03 -2.09
N GLN A 351 -2.94 0.87 -1.33
CA GLN A 351 -2.76 2.24 -1.78
C GLN A 351 -1.51 2.35 -2.65
N LEU A 352 -1.63 3.07 -3.76
CA LEU A 352 -0.51 3.27 -4.65
C LEU A 352 0.57 4.11 -3.97
N TYR A 353 1.83 3.67 -4.11
CA TYR A 353 2.98 4.32 -3.49
C TYR A 353 2.85 4.39 -1.97
N GLY A 354 2.10 3.45 -1.39
CA GLY A 354 1.93 3.43 0.05
C GLY A 354 3.11 2.88 0.80
N ARG A 355 4.00 2.17 0.11
CA ARG A 355 5.17 1.53 0.72
C ARG A 355 4.74 0.60 1.86
N PHE A 356 3.73 -0.21 1.58
CA PHE A 356 3.30 -1.23 2.53
C PHE A 356 4.45 -2.20 2.78
N GLY A 357 4.72 -2.48 4.05
CA GLY A 357 5.86 -3.29 4.41
C GLY A 357 7.11 -2.53 4.77
N SER A 358 7.05 -1.19 4.83
CA SER A 358 8.20 -0.40 5.20
C SER A 358 8.59 -0.58 6.66
N ALA A 359 7.70 -1.13 7.48
CA ALA A 359 8.00 -1.37 8.89
C ALA A 359 7.12 -2.50 9.38
N ILE A 360 7.74 -3.52 9.97
CA ILE A 360 7.03 -4.64 10.56
C ILE A 360 7.39 -4.71 12.02
N ALA A 361 6.39 -4.74 12.90
CA ALA A 361 6.60 -4.77 14.34
C ALA A 361 5.84 -5.94 14.93
N PRO A 362 6.52 -6.91 15.54
CA PRO A 362 5.80 -7.97 16.28
C PRO A 362 5.14 -7.37 17.52
N LEU A 363 3.83 -7.54 17.62
CA LEU A 363 3.06 -6.97 18.72
C LEU A 363 2.91 -7.93 19.90
N GLY A 364 3.47 -9.13 19.81
CA GLY A 364 3.15 -10.11 20.82
C GLY A 364 1.71 -10.55 20.67
N ASP A 365 1.12 -10.98 21.78
CA ASP A 365 -0.29 -11.37 21.79
C ASP A 365 -1.11 -10.13 22.12
N LEU A 366 -1.51 -9.41 21.06
CA LEU A 366 -2.26 -8.17 21.26
C LEU A 366 -3.62 -8.42 21.87
N ASP A 367 -4.36 -9.39 21.35
CA ASP A 367 -5.68 -9.73 21.85
C ASP A 367 -5.66 -10.90 22.82
N ARG A 368 -4.48 -11.43 23.14
CA ARG A 368 -4.33 -12.51 24.13
C ARG A 368 -5.17 -13.74 23.76
N ASP A 369 -5.21 -14.06 22.48
CA ASP A 369 -5.95 -15.22 21.99
C ASP A 369 -5.08 -16.47 21.89
N GLY A 370 -3.81 -16.39 22.26
CA GLY A 370 -2.91 -17.51 22.18
C GLY A 370 -1.99 -17.52 20.98
N TYR A 371 -2.10 -16.53 20.09
CA TYR A 371 -1.27 -16.44 18.91
C TYR A 371 -0.74 -15.01 18.77
N ASN A 372 0.55 -14.90 18.47
CA ASN A 372 1.16 -13.58 18.39
C ASN A 372 0.67 -12.83 17.15
N ASP A 373 0.75 -11.51 17.22
CA ASP A 373 0.22 -10.63 16.20
C ASP A 373 1.30 -9.65 15.76
N ILE A 374 1.15 -9.16 14.52
CA ILE A 374 2.12 -8.23 13.94
C ILE A 374 1.38 -6.97 13.51
N ALA A 375 2.17 -5.95 13.15
CA ALA A 375 1.62 -4.69 12.67
C ALA A 375 2.50 -4.19 11.54
N VAL A 376 1.94 -4.13 10.34
CA VAL A 376 2.63 -3.64 9.15
C VAL A 376 2.19 -2.21 8.91
N ALA A 377 3.12 -1.36 8.47
CA ALA A 377 2.85 0.05 8.27
C ALA A 377 3.04 0.44 6.81
N ALA A 378 2.19 1.33 6.33
CA ALA A 378 2.33 1.98 5.04
C ALA A 378 2.52 3.47 5.28
N PRO A 379 3.76 3.98 5.29
CA PRO A 379 3.97 5.37 5.67
C PRO A 379 3.28 6.38 4.76
N TYR A 380 2.95 6.00 3.53
CA TYR A 380 2.26 6.90 2.61
C TYR A 380 0.99 6.26 2.08
N GLY A 381 0.47 5.24 2.76
CA GLY A 381 -0.76 4.60 2.37
C GLY A 381 -1.99 5.34 2.89
N GLY A 382 -3.13 4.68 2.78
CA GLY A 382 -4.38 5.27 3.17
C GLY A 382 -5.00 6.05 2.02
N PRO A 383 -6.31 6.29 2.10
CA PRO A 383 -6.99 6.99 0.99
C PRO A 383 -6.43 8.38 0.73
N SER A 384 -6.00 9.09 1.76
CA SER A 384 -5.42 10.43 1.59
C SER A 384 -3.91 10.41 1.45
N GLY A 385 -3.29 9.24 1.50
CA GLY A 385 -1.85 9.14 1.37
C GLY A 385 -1.09 9.80 2.51
N ARG A 386 -1.60 9.71 3.74
CA ARG A 386 -0.96 10.30 4.89
C ARG A 386 -0.30 9.28 5.81
N GLY A 387 -0.54 7.99 5.61
CA GLY A 387 0.07 6.97 6.43
C GLY A 387 -0.94 6.04 7.07
N GLN A 388 -0.61 4.76 7.13
CA GLN A 388 -1.49 3.76 7.71
C GLN A 388 -0.67 2.69 8.41
N VAL A 389 -1.20 2.18 9.52
CA VAL A 389 -0.64 1.04 10.22
C VAL A 389 -1.73 -0.01 10.29
N LEU A 390 -1.44 -1.21 9.79
CA LEU A 390 -2.41 -2.30 9.71
C LEU A 390 -2.02 -3.39 10.69
N VAL A 391 -2.98 -3.83 11.49
CA VAL A 391 -2.76 -4.84 12.51
C VAL A 391 -3.27 -6.17 11.99
N PHE A 392 -2.39 -7.18 11.99
CA PHE A 392 -2.74 -8.52 11.54
C PHE A 392 -2.63 -9.47 12.73
N LEU A 393 -3.62 -10.34 12.87
CA LEU A 393 -3.70 -11.25 14.01
C LEU A 393 -3.21 -12.63 13.61
N GLY A 394 -2.47 -13.28 14.50
CA GLY A 394 -2.05 -14.64 14.26
C GLY A 394 -3.16 -15.64 14.45
N GLN A 395 -2.96 -16.82 13.88
CA GLN A 395 -3.97 -17.88 13.93
C GLN A 395 -3.24 -19.22 13.90
N SER A 396 -4.01 -20.31 13.85
CA SER A 396 -3.41 -21.63 13.85
C SER A 396 -2.63 -21.92 12.57
N GLU A 397 -2.99 -21.29 11.45
CA GLU A 397 -2.36 -21.56 10.16
C GLU A 397 -1.50 -20.39 9.69
N GLY A 398 -1.15 -19.46 10.57
CA GLY A 398 -0.35 -18.32 10.18
C GLY A 398 -0.94 -16.99 10.62
N LEU A 399 -1.26 -16.14 9.66
CA LEU A 399 -1.83 -14.83 9.94
C LEU A 399 -3.16 -14.69 9.22
N ARG A 400 -3.97 -13.75 9.69
CA ARG A 400 -5.18 -13.38 8.98
C ARG A 400 -4.83 -12.54 7.76
N SER A 401 -5.36 -12.93 6.60
CA SER A 401 -5.08 -12.19 5.38
C SER A 401 -5.66 -10.78 5.42
N ARG A 402 -6.64 -10.57 6.27
CA ARG A 402 -7.42 -9.35 6.44
C ARG A 402 -7.00 -8.66 7.72
N PRO A 403 -6.65 -7.37 7.66
CA PRO A 403 -6.25 -6.66 8.88
C PRO A 403 -7.42 -6.53 9.84
N SER A 404 -7.17 -6.81 11.12
CA SER A 404 -8.23 -6.66 12.12
C SER A 404 -8.45 -5.21 12.50
N GLN A 405 -7.52 -4.32 12.16
CA GLN A 405 -7.63 -2.91 12.49
C GLN A 405 -6.74 -2.11 11.56
N VAL A 406 -7.16 -0.88 11.26
CA VAL A 406 -6.38 0.03 10.41
C VAL A 406 -6.25 1.34 11.17
N LEU A 407 -5.02 1.77 11.38
CA LEU A 407 -4.73 3.01 12.09
C LEU A 407 -4.36 4.09 11.10
N ASP A 408 -5.19 5.12 11.02
CA ASP A 408 -4.95 6.23 10.11
C ASP A 408 -4.07 7.28 10.77
N SER A 409 -3.31 7.99 9.94
CA SER A 409 -2.36 8.97 10.44
C SER A 409 -3.08 10.15 11.07
N PRO A 410 -2.81 10.47 12.34
CA PRO A 410 -3.37 11.69 12.93
C PRO A 410 -2.61 12.95 12.56
N PHE A 411 -1.56 12.84 11.77
CA PHE A 411 -0.67 13.92 11.38
C PHE A 411 -0.93 14.33 9.94
N PRO A 412 -0.53 15.55 9.56
CA PRO A 412 -0.78 16.01 8.18
C PRO A 412 -0.03 15.19 7.14
N THR A 413 -0.24 15.53 5.87
CA THR A 413 0.39 14.79 4.78
C THR A 413 1.90 14.96 4.80
N GLY A 414 2.60 13.90 4.42
CA GLY A 414 4.05 13.91 4.41
C GLY A 414 4.71 13.64 5.73
N SER A 415 3.97 13.20 6.74
CA SER A 415 4.55 12.93 8.05
C SER A 415 5.23 11.57 8.12
N ALA A 416 5.05 10.71 7.11
CA ALA A 416 5.62 9.36 7.10
C ALA A 416 5.19 8.57 8.33
N PHE A 417 3.92 8.73 8.70
CA PHE A 417 3.33 8.01 9.82
C PHE A 417 3.45 6.52 9.61
N GLY A 418 4.19 5.84 10.48
CA GLY A 418 4.43 4.42 10.35
C GLY A 418 5.83 4.04 9.90
N PHE A 419 6.73 5.01 9.74
CA PHE A 419 8.10 4.69 9.35
C PHE A 419 8.79 3.85 10.42
N SER A 420 8.53 4.18 11.69
CA SER A 420 9.12 3.40 12.80
C SER A 420 8.00 2.83 13.67
N LEU A 421 7.99 1.50 13.86
CA LEU A 421 6.96 0.84 14.70
C LEU A 421 7.67 0.06 15.82
N ARG A 422 7.02 -0.06 16.98
CA ARG A 422 7.59 -0.87 18.10
C ARG A 422 6.44 -1.35 18.98
N GLY A 423 6.38 -2.65 19.28
CA GLY A 423 5.29 -3.16 20.08
C GLY A 423 5.71 -4.24 21.06
N ALA A 424 4.75 -5.05 21.49
CA ALA A 424 4.98 -6.17 22.41
C ALA A 424 5.51 -5.70 23.76
N VAL A 425 5.21 -4.46 24.13
CA VAL A 425 5.58 -3.93 25.44
C VAL A 425 4.37 -3.22 26.03
N ASP A 426 4.01 -3.59 27.26
CA ASP A 426 2.88 -2.99 27.95
C ASP A 426 3.34 -1.71 28.64
N ILE A 427 3.09 -0.57 28.03
CA ILE A 427 3.59 0.70 28.55
C ILE A 427 2.74 1.26 29.67
N ASP A 428 1.45 0.90 29.75
CA ASP A 428 0.57 1.37 30.82
C ASP A 428 0.26 0.29 31.84
N ASP A 429 0.78 -0.93 31.65
CA ASP A 429 0.58 -2.04 32.58
C ASP A 429 -0.91 -2.33 32.76
N ASN A 430 -1.61 -2.47 31.64
CA ASN A 430 -3.01 -2.89 31.64
C ASN A 430 -3.17 -4.34 31.21
N GLY A 431 -2.07 -5.07 31.07
CA GLY A 431 -2.12 -6.46 30.68
C GLY A 431 -2.09 -6.73 29.19
N TYR A 432 -2.16 -5.69 28.36
CA TYR A 432 -2.19 -5.85 26.92
C TYR A 432 -1.04 -5.06 26.30
N PRO A 433 -0.25 -5.67 25.42
CA PRO A 433 0.86 -4.94 24.79
C PRO A 433 0.36 -3.80 23.92
N ASP A 434 1.17 -2.75 23.85
CA ASP A 434 0.81 -1.52 23.15
C ASP A 434 1.72 -1.34 21.94
N LEU A 435 1.55 -0.20 21.27
CA LEU A 435 2.26 0.09 20.04
C LEU A 435 2.59 1.58 19.99
N ILE A 436 3.83 1.89 19.59
CA ILE A 436 4.24 3.30 19.42
C ILE A 436 4.57 3.52 17.93
N VAL A 437 3.95 4.53 17.31
CA VAL A 437 4.16 4.77 15.86
C VAL A 437 4.93 6.09 15.70
N GLY A 438 6.00 6.09 14.91
CA GLY A 438 6.84 7.29 14.76
C GLY A 438 6.61 7.99 13.45
N ALA A 439 6.30 9.28 13.48
CA ALA A 439 6.12 10.06 12.26
C ALA A 439 7.17 11.16 12.28
N TYR A 440 8.35 10.88 11.72
CA TYR A 440 9.43 11.85 11.74
C TYR A 440 9.14 13.07 10.87
N GLY A 441 8.25 12.93 9.89
CA GLY A 441 7.89 14.09 9.08
C GLY A 441 7.23 15.18 9.90
N ALA A 442 6.38 14.80 10.84
CA ALA A 442 5.75 15.73 11.77
C ALA A 442 6.55 15.91 13.05
N ASN A 443 7.68 15.19 13.19
CA ASN A 443 8.50 15.24 14.41
C ASN A 443 7.68 14.88 15.64
N GLN A 444 6.86 13.83 15.52
CA GLN A 444 5.98 13.41 16.61
C GLN A 444 5.88 11.91 16.64
N VAL A 445 5.51 11.40 17.81
CA VAL A 445 5.35 9.93 18.01
C VAL A 445 3.97 9.69 18.64
N ALA A 446 3.20 8.75 18.09
CA ALA A 446 1.87 8.42 18.58
C ALA A 446 1.93 7.09 19.33
N VAL A 447 1.28 7.04 20.50
CA VAL A 447 1.24 5.84 21.33
C VAL A 447 -0.18 5.30 21.30
N TYR A 448 -0.32 4.06 20.86
CA TYR A 448 -1.62 3.39 20.77
C TYR A 448 -1.71 2.35 21.89
N ARG A 449 -2.74 2.47 22.72
CA ARG A 449 -2.91 1.61 23.88
C ARG A 449 -3.98 0.57 23.59
N ALA A 450 -3.68 -0.69 23.93
CA ALA A 450 -4.58 -1.81 23.68
C ALA A 450 -5.56 -1.93 24.82
N GLN A 451 -6.84 -1.69 24.53
CA GLN A 451 -7.88 -1.80 25.54
C GLN A 451 -8.27 -3.27 25.73
N PRO A 452 -8.85 -3.62 26.87
CA PRO A 452 -9.15 -5.02 27.15
C PRO A 452 -10.13 -5.63 26.17
N VAL A 453 -10.02 -6.95 25.99
CA VAL A 453 -10.89 -7.71 25.12
C VAL A 453 -11.79 -8.60 25.98
N VAL A 454 -13.09 -8.57 25.71
CA VAL A 454 -14.06 -9.37 26.44
C VAL A 454 -14.57 -10.47 25.51
N LYS A 455 -14.45 -11.72 25.96
CA LYS A 455 -14.95 -12.86 25.21
C LYS A 455 -16.38 -13.15 25.68
N ALA A 456 -17.36 -12.82 24.85
CA ALA A 456 -18.74 -13.01 25.22
C ALA A 456 -19.11 -14.48 25.22
N SER A 457 -20.04 -14.84 26.11
CA SER A 457 -20.54 -16.21 26.22
C SER A 457 -22.07 -16.12 26.34
N VAL A 458 -22.75 -16.37 25.24
CA VAL A 458 -24.21 -16.27 25.18
C VAL A 458 -24.80 -17.67 25.23
N GLN A 459 -25.67 -17.91 26.21
CA GLN A 459 -26.38 -19.19 26.30
C GLN A 459 -27.83 -18.88 26.71
N LEU A 460 -28.75 -19.12 25.79
CA LEU A 460 -30.17 -18.93 26.04
C LEU A 460 -30.80 -20.31 26.20
N LEU A 461 -31.30 -20.59 27.41
CA LEU A 461 -32.00 -21.85 27.69
C LEU A 461 -33.49 -21.59 27.65
N VAL A 462 -34.17 -22.23 26.71
CA VAL A 462 -35.60 -22.08 26.50
C VAL A 462 -36.27 -23.42 26.77
N GLN A 463 -37.37 -23.40 27.53
CA GLN A 463 -38.11 -24.62 27.80
C GLN A 463 -38.74 -25.15 26.52
N ASP A 464 -38.71 -26.47 26.37
CA ASP A 464 -39.28 -27.09 25.18
C ASP A 464 -40.79 -27.25 25.30
N SER A 465 -41.47 -26.16 25.66
CA SER A 465 -42.93 -26.10 25.65
C SER A 465 -43.45 -25.44 24.38
N LEU A 466 -42.67 -25.48 23.30
CA LEU A 466 -43.02 -24.84 22.04
C LEU A 466 -44.31 -25.39 21.43
N ASN A 467 -44.74 -26.58 21.83
CA ASN A 467 -46.04 -27.07 21.40
C ASN A 467 -47.13 -26.29 22.14
N PRO A 468 -48.18 -25.85 21.45
CA PRO A 468 -49.26 -25.11 22.12
C PRO A 468 -50.39 -25.98 22.65
N ALA A 469 -50.30 -27.30 22.47
CA ALA A 469 -51.41 -28.20 22.82
C ALA A 469 -51.53 -28.45 24.32
N VAL A 470 -50.51 -28.10 25.11
CA VAL A 470 -50.60 -28.32 26.55
C VAL A 470 -51.71 -27.48 27.15
N LYS A 471 -51.72 -26.18 26.85
CA LYS A 471 -52.76 -25.25 27.29
C LYS A 471 -52.98 -25.33 28.80
N SER A 472 -51.87 -25.31 29.55
CA SER A 472 -51.92 -25.41 31.00
C SER A 472 -51.48 -24.13 31.70
N CYS A 473 -50.34 -23.57 31.32
CA CYS A 473 -49.86 -22.36 31.96
C CYS A 473 -50.82 -21.21 31.70
N VAL A 474 -51.03 -20.37 32.73
CA VAL A 474 -52.05 -19.29 32.60
C VAL A 474 -51.39 -17.91 32.41
N LEU A 475 -52.20 -16.88 32.18
CA LEU A 475 -51.67 -15.50 32.03
C LEU A 475 -52.07 -14.70 33.27
N PRO A 476 -51.26 -13.72 33.73
CA PRO A 476 -51.59 -12.98 34.95
C PRO A 476 -52.89 -12.22 34.81
N GLN A 477 -53.06 -11.52 33.69
CA GLN A 477 -54.29 -10.69 33.48
C GLN A 477 -55.52 -11.62 33.36
N THR A 478 -55.45 -12.61 32.47
CA THR A 478 -56.58 -13.54 32.27
C THR A 478 -56.06 -14.95 32.24
N LYS A 479 -56.65 -15.85 33.02
CA LYS A 479 -56.14 -17.25 33.10
C LYS A 479 -55.78 -17.74 31.70
N THR A 480 -56.75 -17.73 30.77
CA THR A 480 -56.50 -18.20 29.39
C THR A 480 -55.36 -19.21 29.38
N PRO A 481 -55.57 -20.45 29.87
CA PRO A 481 -54.50 -21.45 29.97
C PRO A 481 -53.87 -21.78 28.62
N VAL A 482 -52.59 -21.46 28.46
CA VAL A 482 -51.86 -21.73 27.23
C VAL A 482 -50.50 -22.33 27.58
N SER A 483 -49.93 -23.06 26.62
CA SER A 483 -48.65 -23.75 26.81
C SER A 483 -47.51 -22.72 26.72
N CYS A 484 -47.31 -22.00 27.82
CA CYS A 484 -46.23 -21.03 27.90
C CYS A 484 -44.95 -21.68 28.42
N PHE A 485 -43.83 -21.03 28.13
CA PHE A 485 -42.53 -21.55 28.53
C PHE A 485 -41.69 -20.42 29.11
N ASN A 486 -40.78 -20.78 30.02
CA ASN A 486 -39.88 -19.77 30.62
C ASN A 486 -38.67 -19.56 29.72
N ILE A 487 -38.11 -18.34 29.72
CA ILE A 487 -36.93 -18.02 28.85
C ILE A 487 -35.74 -17.69 29.78
N GLN A 488 -34.93 -18.71 30.10
CA GLN A 488 -33.73 -18.49 30.97
C GLN A 488 -32.55 -18.09 30.08
N MET A 489 -32.05 -16.86 30.25
CA MET A 489 -30.91 -16.37 29.42
C MET A 489 -29.69 -16.18 30.32
N CYS A 490 -28.51 -16.64 29.88
CA CYS A 490 -27.32 -16.40 30.67
C CYS A 490 -26.24 -15.85 29.76
N VAL A 491 -25.49 -14.87 30.26
CA VAL A 491 -24.41 -14.26 29.50
C VAL A 491 -23.13 -14.32 30.33
N GLY A 492 -22.03 -14.65 29.69
CA GLY A 492 -20.75 -14.74 30.36
C GLY A 492 -19.70 -13.89 29.69
N ALA A 493 -18.95 -13.16 30.51
CA ALA A 493 -17.89 -12.28 30.03
C ALA A 493 -16.56 -12.76 30.59
N THR A 494 -15.64 -13.12 29.70
CA THR A 494 -14.32 -13.61 30.07
C THR A 494 -13.26 -12.80 29.37
N GLY A 495 -12.18 -12.49 30.09
CA GLY A 495 -11.09 -11.71 29.54
C GLY A 495 -10.18 -11.15 30.62
N HIS A 496 -8.90 -10.98 30.30
CA HIS A 496 -7.96 -10.48 31.27
C HIS A 496 -8.18 -8.99 31.52
N ASN A 497 -8.12 -8.61 32.79
CA ASN A 497 -8.23 -7.21 33.22
C ASN A 497 -9.53 -6.57 32.72
N ILE A 498 -10.60 -7.34 32.69
CA ILE A 498 -11.89 -6.78 32.31
C ILE A 498 -12.37 -5.84 33.40
N PRO A 499 -12.87 -4.65 33.06
CA PRO A 499 -13.30 -3.71 34.09
C PRO A 499 -14.55 -4.22 34.81
N GLN A 500 -14.68 -3.77 36.06
CA GLN A 500 -15.82 -4.13 36.89
C GLN A 500 -17.08 -3.37 36.52
N LYS A 501 -16.99 -2.39 35.62
CA LYS A 501 -18.12 -1.57 35.23
C LYS A 501 -18.73 -2.03 33.90
N LEU A 502 -18.32 -3.18 33.39
CA LEU A 502 -18.84 -3.69 32.14
C LEU A 502 -20.30 -4.06 32.29
N SER A 503 -21.18 -3.37 31.56
CA SER A 503 -22.63 -3.57 31.65
C SER A 503 -23.16 -3.83 30.24
N LEU A 504 -23.14 -5.09 29.82
CA LEU A 504 -23.61 -5.45 28.49
C LEU A 504 -25.13 -5.31 28.40
N ASN A 505 -25.61 -5.12 27.17
CA ASN A 505 -27.03 -5.05 26.89
C ASN A 505 -27.42 -6.28 26.08
N ALA A 506 -28.32 -7.09 26.62
CA ALA A 506 -28.77 -8.31 25.97
C ALA A 506 -30.12 -8.04 25.31
N GLU A 507 -30.17 -8.16 23.99
CA GLU A 507 -31.38 -7.89 23.23
C GLU A 507 -32.07 -9.23 22.93
N LEU A 508 -33.17 -9.49 23.61
CA LEU A 508 -33.95 -10.70 23.36
C LEU A 508 -34.83 -10.51 22.13
N GLN A 509 -35.09 -11.60 21.44
CA GLN A 509 -35.97 -11.59 20.28
C GLN A 509 -36.79 -12.88 20.25
N LEU A 510 -38.09 -12.75 20.03
CA LEU A 510 -39.01 -13.87 19.94
C LEU A 510 -39.74 -13.80 18.60
N ASP A 511 -39.78 -14.91 17.88
CA ASP A 511 -40.41 -15.00 16.56
C ASP A 511 -39.86 -13.91 15.64
N ARG A 512 -38.54 -13.94 15.47
CA ARG A 512 -37.86 -12.87 14.74
C ARG A 512 -38.30 -12.81 13.28
N GLN A 513 -38.50 -13.96 12.64
CA GLN A 513 -38.93 -13.96 11.25
C GLN A 513 -40.30 -13.31 11.07
N LYS A 514 -41.22 -13.55 12.01
CA LYS A 514 -42.52 -12.90 11.97
C LYS A 514 -42.38 -11.41 12.28
N PRO A 515 -43.27 -10.58 11.72
CA PRO A 515 -43.22 -9.15 12.04
C PRO A 515 -43.78 -8.88 13.43
N ARG A 516 -43.66 -7.62 13.86
CA ARG A 516 -44.12 -7.24 15.19
C ARG A 516 -45.61 -7.49 15.36
N GLN A 517 -46.41 -7.19 14.34
CA GLN A 517 -47.84 -7.48 14.40
C GLN A 517 -48.10 -8.98 14.43
N GLY A 518 -47.26 -9.76 13.76
CA GLY A 518 -47.46 -11.20 13.67
C GLY A 518 -46.68 -12.01 14.69
N ARG A 519 -46.23 -11.35 15.76
CA ARG A 519 -45.46 -12.03 16.80
C ARG A 519 -46.34 -13.05 17.51
N ARG A 520 -46.02 -14.33 17.35
CA ARG A 520 -46.81 -15.39 17.96
C ARG A 520 -46.53 -15.53 19.45
N VAL A 521 -45.29 -15.31 19.88
CA VAL A 521 -44.88 -15.49 21.26
C VAL A 521 -44.64 -14.13 21.89
N LEU A 522 -45.19 -13.93 23.09
CA LEU A 522 -45.05 -12.69 23.82
C LEU A 522 -44.74 -13.00 25.28
N LEU A 523 -44.17 -12.01 25.97
CA LEU A 523 -43.90 -12.17 27.39
C LEU A 523 -45.18 -12.03 28.19
N LEU A 524 -45.11 -12.43 29.47
CA LEU A 524 -46.22 -12.23 30.38
C LEU A 524 -46.07 -10.97 31.21
N GLY A 525 -44.97 -10.23 31.06
CA GLY A 525 -44.78 -8.99 31.79
C GLY A 525 -45.13 -7.78 30.97
N SER A 526 -44.79 -7.80 29.68
CA SER A 526 -45.08 -6.69 28.77
C SER A 526 -45.77 -7.12 27.48
N GLN A 527 -45.88 -8.42 27.21
CA GLN A 527 -46.52 -8.93 26.00
C GLN A 527 -45.84 -8.38 24.74
N GLN A 528 -44.51 -8.26 24.78
CA GLN A 528 -43.73 -7.78 23.66
C GLN A 528 -42.65 -8.80 23.35
N ALA A 529 -42.62 -9.29 22.11
CA ALA A 529 -41.68 -10.34 21.71
C ALA A 529 -40.27 -9.77 21.74
N GLY A 530 -39.50 -10.14 22.75
CA GLY A 530 -38.14 -9.66 22.88
C GLY A 530 -38.04 -8.44 23.77
N THR A 531 -36.88 -8.29 24.40
CA THR A 531 -36.66 -7.17 25.31
C THR A 531 -35.15 -6.94 25.46
N THR A 532 -34.80 -5.79 25.99
CA THR A 532 -33.41 -5.39 26.20
C THR A 532 -33.12 -5.38 27.70
N LEU A 533 -32.05 -6.05 28.10
CA LEU A 533 -31.64 -6.13 29.49
C LEU A 533 -30.19 -5.66 29.61
N ASN A 534 -29.93 -4.76 30.56
CA ASN A 534 -28.60 -4.21 30.78
C ASN A 534 -27.95 -4.96 31.95
N LEU A 535 -27.50 -6.18 31.67
CA LEU A 535 -26.81 -6.97 32.69
C LEU A 535 -25.43 -6.37 32.95
N ASP A 536 -25.03 -6.34 34.21
CA ASP A 536 -23.72 -5.81 34.60
C ASP A 536 -22.79 -6.99 34.84
N LEU A 537 -22.19 -7.49 33.76
CA LEU A 537 -21.25 -8.59 33.87
C LEU A 537 -19.89 -8.16 34.41
N GLY A 538 -19.59 -6.88 34.39
CA GLY A 538 -18.31 -6.41 34.89
C GLY A 538 -18.15 -6.69 36.36
N GLY A 539 -17.00 -7.27 36.73
CA GLY A 539 -16.71 -7.57 38.11
C GLY A 539 -17.30 -8.88 38.62
N LYS A 540 -18.05 -9.60 37.79
CA LYS A 540 -18.66 -10.86 38.18
C LYS A 540 -18.16 -11.94 37.24
N HIS A 541 -17.34 -12.85 37.76
CA HIS A 541 -16.83 -13.96 36.95
C HIS A 541 -17.95 -14.92 36.56
N SER A 542 -19.02 -14.99 37.35
CA SER A 542 -20.09 -15.92 37.07
C SER A 542 -20.85 -15.52 35.80
N PRO A 543 -21.28 -16.49 35.01
CA PRO A 543 -22.13 -16.18 33.85
C PRO A 543 -23.54 -15.83 34.29
N ILE A 544 -23.74 -14.54 34.60
CA ILE A 544 -25.00 -14.08 35.20
C ILE A 544 -26.20 -14.66 34.47
N CYS A 545 -27.07 -15.31 35.21
CA CYS A 545 -28.27 -15.95 34.69
C CYS A 545 -29.51 -15.20 35.14
N HIS A 546 -30.57 -15.34 34.35
CA HIS A 546 -31.85 -14.69 34.67
C HIS A 546 -32.91 -15.35 33.81
N THR A 547 -34.07 -15.63 34.40
CA THR A 547 -35.15 -16.28 33.67
C THR A 547 -36.31 -15.31 33.49
N THR A 548 -36.94 -15.37 32.31
CA THR A 548 -38.08 -14.54 31.97
C THR A 548 -39.22 -15.44 31.51
N MET A 549 -40.43 -14.90 31.61
CA MET A 549 -41.64 -15.68 31.37
C MET A 549 -42.31 -15.18 30.09
N ALA A 550 -42.54 -16.07 29.14
CA ALA A 550 -43.16 -15.73 27.87
C ALA A 550 -44.27 -16.73 27.57
N PHE A 551 -45.29 -16.25 26.84
CA PHE A 551 -46.46 -17.07 26.53
C PHE A 551 -46.74 -17.02 25.03
N LEU A 552 -47.37 -18.08 24.54
CA LEU A 552 -47.77 -18.21 23.16
C LEU A 552 -49.27 -17.96 23.02
N ARG A 553 -49.69 -17.61 21.80
CA ARG A 553 -51.10 -17.33 21.53
C ARG A 553 -51.88 -18.64 21.50
N ASP A 554 -53.19 -18.54 21.25
CA ASP A 554 -54.03 -19.71 21.16
C ASP A 554 -53.86 -20.42 19.82
N GLU A 555 -54.35 -21.66 19.76
CA GLU A 555 -54.12 -22.49 18.57
C GLU A 555 -54.69 -21.85 17.32
N ALA A 556 -55.92 -21.32 17.41
CA ALA A 556 -56.54 -20.67 16.27
C ALA A 556 -55.98 -19.28 15.98
N ASP A 557 -55.25 -18.70 16.93
CA ASP A 557 -54.70 -17.35 16.73
C ASP A 557 -53.66 -17.33 15.62
N PHE A 558 -52.76 -18.31 15.59
CA PHE A 558 -51.75 -18.41 14.54
C PHE A 558 -52.20 -19.44 13.52
N ARG A 559 -52.73 -18.96 12.40
CA ARG A 559 -53.11 -19.88 11.30
C ARG A 559 -51.81 -20.46 10.73
N ASP A 560 -50.72 -19.70 10.78
CA ASP A 560 -49.40 -20.18 10.28
C ASP A 560 -48.64 -20.84 11.43
N LYS A 561 -49.30 -21.76 12.14
CA LYS A 561 -48.65 -22.48 13.27
C LYS A 561 -47.45 -23.28 12.73
N LEU A 562 -47.61 -23.87 11.54
CA LEU A 562 -46.52 -24.69 10.93
C LEU A 562 -45.21 -23.91 10.94
N SER A 563 -45.28 -22.59 10.75
CA SER A 563 -44.05 -21.75 10.70
C SER A 563 -43.21 -21.95 11.97
N PRO A 564 -41.87 -22.09 11.86
CA PRO A 564 -41.01 -22.22 13.05
C PRO A 564 -40.93 -20.92 13.83
N ILE A 565 -40.64 -21.06 15.12
CA ILE A 565 -40.51 -19.93 16.03
C ILE A 565 -39.03 -19.63 16.20
N VAL A 566 -38.62 -18.42 15.82
CA VAL A 566 -37.22 -18.03 15.83
C VAL A 566 -36.97 -17.19 17.08
N LEU A 567 -36.18 -17.72 18.01
CA LEU A 567 -35.76 -16.99 19.19
C LEU A 567 -34.32 -16.56 19.02
N SER A 568 -34.04 -15.28 19.28
CA SER A 568 -32.70 -14.73 19.10
C SER A 568 -32.29 -13.96 20.34
N LEU A 569 -31.00 -14.04 20.66
CA LEU A 569 -30.41 -13.30 21.77
C LEU A 569 -29.19 -12.57 21.26
N ASN A 570 -29.20 -11.24 21.34
CA ASN A 570 -28.10 -10.41 20.86
C ASN A 570 -27.57 -9.60 22.02
N VAL A 571 -26.25 -9.63 22.20
CA VAL A 571 -25.58 -8.88 23.26
C VAL A 571 -24.56 -7.95 22.61
N SER A 572 -24.43 -6.75 23.18
CA SER A 572 -23.52 -5.75 22.64
C SER A 572 -23.17 -4.77 23.75
N LEU A 573 -22.17 -4.04 23.63
CA LEU A 573 -21.78 -3.08 24.68
C LEU A 573 -22.91 -2.06 24.84
N PRO A 574 -22.97 -1.35 25.89
CA PRO A 574 -23.99 -0.35 26.18
C PRO A 574 -23.80 0.89 25.32
N PRO A 575 -24.88 1.57 24.94
CA PRO A 575 -24.75 2.76 24.10
C PRO A 575 -24.13 3.93 24.85
N THR A 576 -22.87 3.78 25.26
CA THR A 576 -22.14 4.83 25.98
C THR A 576 -20.96 5.34 25.15
N GLU A 577 -21.02 5.14 23.84
CA GLU A 577 -19.95 5.59 22.96
C GLU A 577 -19.81 7.11 22.95
N ALA A 578 -20.94 7.82 22.94
CA ALA A 578 -20.87 9.28 22.95
C ALA A 578 -20.28 9.80 24.25
N GLY A 579 -20.67 9.21 25.39
CA GLY A 579 -20.15 9.68 26.66
C GLY A 579 -18.66 9.44 26.82
N MET A 580 -18.19 8.27 26.40
CA MET A 580 -16.77 7.93 26.51
C MET A 580 -16.42 6.89 25.47
N ALA A 581 -15.13 6.77 25.19
CA ALA A 581 -14.67 5.76 24.25
C ALA A 581 -14.92 4.37 24.80
N PRO A 582 -15.16 3.38 23.93
CA PRO A 582 -15.45 2.02 24.42
C PRO A 582 -14.27 1.44 25.19
N ALA A 583 -14.46 1.23 26.49
CA ALA A 583 -13.37 0.76 27.34
C ALA A 583 -12.98 -0.68 27.05
N VAL A 584 -13.79 -1.42 26.29
CA VAL A 584 -13.49 -2.81 25.96
C VAL A 584 -13.82 -3.06 24.51
N VAL A 585 -13.34 -4.20 24.01
CA VAL A 585 -13.64 -4.68 22.67
C VAL A 585 -14.39 -5.99 22.80
N LEU A 586 -15.61 -6.07 22.58
CA LEU A 586 -16.38 -7.33 22.73
C LEU A 586 -16.00 -8.26 21.57
N HIS A 587 -15.57 -9.48 21.94
CA HIS A 587 -15.14 -10.48 20.92
C HIS A 587 -15.87 -11.80 21.19
N GLY A 588 -16.27 -12.50 20.11
CA GLY A 588 -16.96 -13.77 20.27
C GLY A 588 -18.34 -13.78 19.64
N ASP A 589 -19.19 -14.69 20.10
CA ASP A 589 -20.55 -14.82 19.58
C ASP A 589 -21.41 -13.73 20.19
N THR A 590 -21.45 -12.58 19.52
CA THR A 590 -22.29 -11.49 19.98
C THR A 590 -23.78 -11.83 19.85
N HIS A 591 -24.15 -12.51 18.76
CA HIS A 591 -25.55 -12.82 18.49
C HIS A 591 -25.70 -14.32 18.34
N VAL A 592 -26.73 -14.89 19.00
CA VAL A 592 -27.01 -16.31 18.94
C VAL A 592 -28.46 -16.51 18.51
N GLN A 593 -28.68 -17.53 17.68
CA GLN A 593 -29.99 -17.83 17.14
C GLN A 593 -30.47 -19.14 17.75
N GLU A 594 -31.48 -19.06 18.62
CA GLU A 594 -32.09 -20.24 19.23
C GLU A 594 -33.38 -20.54 18.49
N GLN A 595 -33.22 -21.13 17.31
CA GLN A 595 -34.36 -21.37 16.42
C GLN A 595 -35.11 -22.64 16.85
N THR A 596 -36.41 -22.52 17.04
CA THR A 596 -37.29 -23.64 17.37
C THR A 596 -38.45 -23.69 16.37
N ARG A 597 -39.42 -24.54 16.66
CA ARG A 597 -40.58 -24.69 15.78
C ARG A 597 -41.77 -25.17 16.60
N ILE A 598 -42.97 -24.95 16.07
CA ILE A 598 -44.22 -25.38 16.78
C ILE A 598 -44.54 -26.80 16.32
N VAL A 599 -44.74 -27.73 17.26
CA VAL A 599 -44.98 -29.15 16.86
C VAL A 599 -46.46 -29.48 16.99
N LEU A 600 -47.09 -29.18 18.14
CA LEU A 600 -48.50 -29.57 18.35
C LEU A 600 -49.41 -28.36 18.14
N GLY B 1 -43.83 -14.22 -17.13
CA GLY B 1 -43.99 -15.59 -16.66
C GLY B 1 -42.67 -16.28 -16.39
N PRO B 2 -41.91 -16.73 -17.42
CA PRO B 2 -40.59 -17.31 -17.15
C PRO B 2 -39.51 -16.25 -16.99
N ASN B 3 -38.26 -16.68 -16.76
CA ASN B 3 -37.10 -15.75 -16.62
C ASN B 3 -37.09 -15.10 -15.22
N ILE B 4 -35.90 -14.74 -14.75
CA ILE B 4 -35.76 -14.13 -13.39
C ILE B 4 -36.50 -12.78 -13.35
N CYS B 5 -36.64 -12.13 -14.50
CA CYS B 5 -37.27 -10.78 -14.55
C CYS B 5 -38.58 -10.82 -13.74
N THR B 6 -39.43 -11.81 -13.99
CA THR B 6 -40.73 -11.92 -13.28
C THR B 6 -40.51 -12.36 -11.85
N THR B 7 -39.68 -13.39 -11.63
CA THR B 7 -39.51 -13.96 -10.28
C THR B 7 -38.85 -12.99 -9.32
N ARG B 8 -37.91 -12.23 -9.65
CA ARG B 8 -37.19 -11.38 -8.68
C ARG B 8 -38.03 -10.15 -8.32
N GLY B 9 -39.17 -10.31 -7.75
CA GLY B 9 -39.97 -9.21 -7.17
C GLY B 9 -40.51 -8.23 -8.18
N VAL B 10 -41.03 -7.09 -7.71
CA VAL B 10 -41.59 -6.04 -8.62
C VAL B 10 -41.12 -4.66 -8.11
N SER B 11 -41.46 -4.33 -6.86
CA SER B 11 -41.02 -3.05 -6.30
C SER B 11 -41.32 -1.91 -7.25
N SER B 12 -40.27 -1.27 -7.78
CA SER B 12 -40.44 -0.17 -8.71
C SER B 12 -39.68 -0.42 -10.00
N CYS B 13 -39.64 0.58 -10.88
CA CYS B 13 -38.88 0.45 -12.12
C CYS B 13 -37.38 0.36 -11.84
N GLN B 14 -36.91 1.00 -10.76
CA GLN B 14 -35.49 0.97 -10.44
C GLN B 14 -34.99 -0.45 -10.18
N GLN B 15 -35.77 -1.24 -9.45
CA GLN B 15 -35.32 -2.59 -9.09
C GLN B 15 -35.25 -3.50 -10.31
N CYS B 16 -36.30 -3.49 -11.14
CA CYS B 16 -36.43 -4.53 -12.15
C CYS B 16 -35.45 -4.37 -13.31
N LEU B 17 -35.16 -3.14 -13.73
CA LEU B 17 -34.13 -2.97 -14.75
C LEU B 17 -32.74 -3.22 -14.19
N ALA B 18 -32.55 -3.03 -12.88
CA ALA B 18 -31.26 -3.23 -12.25
C ALA B 18 -30.87 -4.69 -12.14
N VAL B 19 -31.77 -5.62 -12.43
CA VAL B 19 -31.43 -7.04 -12.35
C VAL B 19 -30.57 -7.45 -13.54
N SER B 20 -31.14 -7.39 -14.74
CA SER B 20 -30.48 -7.97 -15.91
C SER B 20 -30.93 -7.19 -17.13
N PRO B 21 -30.09 -7.10 -18.17
CA PRO B 21 -30.37 -6.16 -19.26
C PRO B 21 -31.70 -6.37 -19.97
N MET B 22 -32.03 -7.78 -20.05
CA MET B 22 -33.24 -8.20 -20.81
C MET B 22 -34.53 -7.66 -20.16
N CYS B 23 -34.57 -7.42 -18.90
CA CYS B 23 -35.78 -7.11 -18.16
C CYS B 23 -36.32 -5.74 -18.56
N ALA B 24 -37.64 -5.64 -18.62
CA ALA B 24 -38.31 -4.42 -19.03
C ALA B 24 -39.36 -4.05 -17.99
N TRP B 25 -39.75 -2.78 -17.99
CA TRP B 25 -40.70 -2.26 -17.01
C TRP B 25 -41.79 -1.46 -17.71
N CYS B 26 -43.04 -1.69 -17.30
CA CYS B 26 -44.19 -0.96 -17.80
C CYS B 26 -44.62 0.04 -16.72
N SER B 27 -44.67 1.32 -17.09
CA SER B 27 -45.01 2.36 -16.12
C SER B 27 -46.45 2.82 -16.25
N ASP B 28 -47.06 2.64 -17.43
CA ASP B 28 -48.42 3.11 -17.65
C ASP B 28 -49.43 2.28 -16.87
N GLU B 29 -50.60 2.86 -16.65
CA GLU B 29 -51.65 2.20 -15.88
C GLU B 29 -52.32 1.14 -16.76
N ALA B 30 -52.07 -0.13 -16.44
CA ALA B 30 -52.62 -1.23 -17.26
C ALA B 30 -53.21 -2.33 -16.35
N LEU B 31 -53.28 -3.55 -16.87
CA LEU B 31 -53.86 -4.68 -16.07
C LEU B 31 -53.11 -4.77 -14.73
N PRO B 32 -53.82 -4.78 -13.59
CA PRO B 32 -53.16 -4.85 -12.28
C PRO B 32 -52.43 -6.16 -12.15
N LEU B 33 -52.97 -7.24 -12.64
CA LEU B 33 -52.31 -8.57 -12.50
C LEU B 33 -51.56 -8.89 -13.80
N GLY B 34 -51.64 -10.16 -14.26
CA GLY B 34 -50.91 -10.56 -15.49
C GLY B 34 -49.43 -10.25 -15.36
N SER B 35 -48.88 -9.50 -16.31
CA SER B 35 -47.43 -9.18 -16.29
C SER B 35 -47.05 -8.55 -14.95
N PRO B 36 -45.99 -9.01 -14.27
CA PRO B 36 -45.55 -8.38 -13.03
C PRO B 36 -44.94 -7.06 -13.46
N ARG B 37 -45.37 -6.55 -14.61
CA ARG B 37 -44.79 -5.32 -15.15
C ARG B 37 -43.26 -5.33 -15.05
N CYS B 38 -42.67 -6.53 -15.03
CA CYS B 38 -41.22 -6.66 -14.91
C CYS B 38 -40.65 -7.74 -15.80
N ASP B 39 -41.43 -8.34 -16.69
CA ASP B 39 -40.96 -9.44 -17.52
C ASP B 39 -40.13 -8.90 -18.68
N LEU B 40 -39.82 -9.75 -19.63
CA LEU B 40 -39.02 -9.35 -20.78
C LEU B 40 -39.83 -8.41 -21.68
N LYS B 41 -39.13 -7.82 -22.66
CA LYS B 41 -39.77 -6.85 -23.53
C LYS B 41 -40.90 -7.49 -24.35
N GLU B 42 -40.64 -8.65 -24.94
CA GLU B 42 -41.66 -9.28 -25.79
C GLU B 42 -42.82 -9.83 -24.96
N ASN B 43 -42.54 -10.29 -23.75
CA ASN B 43 -43.64 -10.77 -22.85
C ASN B 43 -44.50 -9.56 -22.46
N LEU B 44 -43.85 -8.45 -22.12
CA LEU B 44 -44.59 -7.22 -21.74
C LEU B 44 -45.39 -6.73 -22.95
N LEU B 45 -44.77 -6.74 -24.13
CA LEU B 45 -45.50 -6.33 -25.37
C LEU B 45 -46.66 -7.31 -25.60
N LYS B 46 -46.43 -8.60 -25.32
CA LYS B 46 -47.49 -9.63 -25.52
C LYS B 46 -48.73 -9.23 -24.70
N ASP B 47 -48.51 -8.64 -23.52
CA ASP B 47 -49.66 -8.23 -22.64
C ASP B 47 -50.12 -6.82 -23.02
N ASN B 48 -49.67 -6.30 -24.17
CA ASN B 48 -50.12 -4.97 -24.65
C ASN B 48 -49.96 -3.94 -23.52
N CYS B 49 -48.72 -3.70 -23.09
CA CYS B 49 -48.46 -2.72 -22.01
C CYS B 49 -47.52 -1.63 -22.55
N ALA B 50 -47.75 -1.16 -23.78
CA ALA B 50 -46.82 -0.18 -24.38
C ALA B 50 -47.56 0.94 -25.12
N PRO B 51 -48.38 1.78 -24.45
CA PRO B 51 -48.99 2.92 -25.11
C PRO B 51 -47.82 3.86 -25.27
N GLU B 52 -46.86 3.49 -26.12
CA GLU B 52 -45.63 4.27 -26.26
C GLU B 52 -45.12 4.72 -24.90
N SER B 53 -45.29 3.84 -23.91
CA SER B 53 -44.85 4.12 -22.54
C SER B 53 -44.01 2.99 -21.97
N ILE B 54 -43.71 1.96 -22.76
CA ILE B 54 -42.82 0.89 -22.32
C ILE B 54 -41.43 1.47 -22.06
N GLU B 55 -40.87 1.15 -20.89
CA GLU B 55 -39.54 1.59 -20.52
C GLU B 55 -38.57 0.43 -20.65
N PHE B 56 -37.54 0.61 -21.47
CA PHE B 56 -36.54 -0.43 -21.70
C PHE B 56 -35.28 0.19 -22.26
N PRO B 57 -34.44 0.80 -21.43
CA PRO B 57 -33.22 1.42 -21.95
C PRO B 57 -32.29 0.37 -22.57
N VAL B 58 -31.62 0.78 -23.64
CA VAL B 58 -30.73 -0.09 -24.39
C VAL B 58 -29.34 0.52 -24.38
N SER B 59 -28.33 -0.29 -24.06
CA SER B 59 -26.96 0.20 -24.06
C SER B 59 -26.51 0.48 -25.49
N GLU B 60 -25.93 1.66 -25.69
CA GLU B 60 -25.50 2.08 -27.02
C GLU B 60 -24.12 2.69 -26.94
N ALA B 61 -23.40 2.63 -28.06
CA ALA B 61 -22.05 3.19 -28.18
C ALA B 61 -22.00 3.99 -29.48
N ARG B 62 -22.27 5.28 -29.38
CA ARG B 62 -22.28 6.18 -30.53
C ARG B 62 -21.04 7.06 -30.50
N VAL B 63 -20.39 7.20 -31.66
CA VAL B 63 -19.19 8.02 -31.76
C VAL B 63 -19.57 9.49 -31.88
N LEU B 64 -18.67 10.35 -31.44
CA LEU B 64 -18.86 11.80 -31.53
C LEU B 64 -17.86 12.44 -32.48
N GLU B 65 -16.57 12.22 -32.27
CA GLU B 65 -15.52 12.72 -33.14
C GLU B 65 -14.86 11.54 -33.83
N ASP B 66 -14.93 11.50 -35.16
CA ASP B 66 -14.48 10.35 -35.94
C ASP B 66 -13.65 10.80 -37.13
N ARG B 67 -12.67 11.68 -36.88
CA ARG B 67 -11.76 12.07 -37.95
C ARG B 67 -10.97 10.85 -38.42
N PRO B 68 -10.82 10.67 -39.73
CA PRO B 68 -10.14 9.48 -40.24
C PRO B 68 -8.65 9.50 -39.93
N LEU B 69 -8.07 8.30 -39.91
CA LEU B 69 -6.64 8.17 -39.66
C LEU B 69 -5.83 8.85 -40.75
N SER B 70 -4.82 9.60 -40.36
CA SER B 70 -3.94 10.24 -41.33
C SER B 70 -3.06 9.19 -42.01
N ASP B 71 -2.59 9.53 -43.21
CA ASP B 71 -1.71 8.64 -43.95
C ASP B 71 -0.25 9.02 -43.82
N LYS B 72 0.07 10.25 -43.64
CA LYS B 72 1.47 10.70 -43.46
C LYS B 72 1.47 11.86 -42.46
N GLY B 73 2.40 11.91 -41.57
CA GLY B 73 2.46 12.90 -40.51
C GLY B 73 3.47 14.01 -40.75
N SER B 74 3.90 14.17 -42.00
CA SER B 74 4.96 15.12 -42.30
C SER B 74 4.49 16.56 -42.10
N GLY B 75 3.31 16.89 -42.63
CA GLY B 75 2.82 18.26 -42.60
C GLY B 75 1.59 18.39 -41.71
N ASP B 76 1.44 19.57 -41.10
CA ASP B 76 0.32 19.90 -40.23
C ASP B 76 0.20 18.89 -39.09
N SER B 77 1.25 18.89 -38.25
CA SER B 77 1.33 17.93 -37.15
C SER B 77 0.18 18.05 -36.17
N SER B 78 -0.41 19.24 -36.05
CA SER B 78 -1.58 19.40 -35.19
C SER B 78 -2.82 18.73 -35.75
N GLN B 79 -2.81 18.39 -37.04
CA GLN B 79 -3.94 17.71 -37.68
C GLN B 79 -3.57 16.29 -38.11
N VAL B 80 -2.69 15.64 -37.36
CA VAL B 80 -2.31 14.26 -37.62
C VAL B 80 -3.12 13.37 -36.69
N THR B 81 -3.91 12.48 -37.27
CA THR B 81 -4.79 11.60 -36.51
C THR B 81 -4.22 10.18 -36.55
N GLN B 82 -3.94 9.63 -35.37
CA GLN B 82 -3.41 8.29 -35.25
C GLN B 82 -4.35 7.32 -34.55
N VAL B 83 -5.45 7.82 -33.99
CA VAL B 83 -6.45 6.98 -33.33
C VAL B 83 -7.83 7.41 -33.82
N SER B 84 -8.65 6.45 -34.22
CA SER B 84 -10.02 6.70 -34.61
C SER B 84 -10.89 5.58 -34.06
N PRO B 85 -12.04 5.90 -33.45
CA PRO B 85 -12.60 7.24 -33.21
C PRO B 85 -11.87 7.97 -32.10
N GLN B 86 -11.93 9.30 -32.08
CA GLN B 86 -11.27 10.08 -31.04
C GLN B 86 -12.13 10.31 -29.82
N ARG B 87 -13.45 10.21 -29.94
CA ARG B 87 -14.35 10.43 -28.82
C ARG B 87 -15.67 9.72 -29.10
N ILE B 88 -16.10 8.88 -28.16
CA ILE B 88 -17.36 8.15 -28.29
C ILE B 88 -18.19 8.38 -27.04
N ALA B 89 -19.50 8.26 -27.20
CA ALA B 89 -20.45 8.33 -26.09
C ALA B 89 -20.97 6.94 -25.82
N LEU B 90 -20.75 6.46 -24.59
CA LEU B 90 -21.13 5.12 -24.19
C LEU B 90 -22.23 5.19 -23.14
N ARG B 91 -23.34 4.51 -23.40
CA ARG B 91 -24.44 4.40 -22.46
C ARG B 91 -24.56 2.96 -22.00
N LEU B 92 -24.55 2.75 -20.70
CA LEU B 92 -24.54 1.40 -20.12
C LEU B 92 -25.63 1.29 -19.06
N ARG B 93 -26.58 0.47 -19.25
CA ARG B 93 -27.58 0.23 -18.19
C ARG B 93 -26.92 -0.74 -17.21
N PRO B 94 -27.38 -0.93 -16.01
CA PRO B 94 -26.71 -1.71 -14.97
C PRO B 94 -26.47 -3.15 -15.37
N ASP B 95 -25.27 -3.65 -15.07
CA ASP B 95 -24.87 -5.02 -15.37
C ASP B 95 -25.01 -5.35 -16.84
N ASP B 96 -24.66 -4.38 -17.70
CA ASP B 96 -24.72 -4.60 -19.16
C ASP B 96 -23.36 -4.21 -19.77
N SER B 97 -23.00 -4.81 -20.90
CA SER B 97 -21.69 -4.53 -21.54
C SER B 97 -21.88 -4.17 -23.01
N LYS B 98 -21.24 -3.09 -23.48
CA LYS B 98 -21.32 -2.70 -24.91
C LYS B 98 -19.89 -2.71 -25.47
N ASN B 99 -19.72 -3.14 -26.72
CA ASN B 99 -18.36 -3.25 -27.31
C ASN B 99 -18.13 -2.09 -28.28
N PHE B 100 -16.87 -1.65 -28.43
CA PHE B 100 -16.54 -0.55 -29.38
C PHE B 100 -15.17 -0.85 -30.00
N SER B 101 -14.81 -0.15 -31.07
CA SER B 101 -13.53 -0.43 -31.77
C SER B 101 -12.62 0.81 -31.76
N ILE B 102 -11.30 0.60 -31.89
CA ILE B 102 -10.33 1.74 -31.92
C ILE B 102 -9.20 1.37 -32.89
N GLN B 103 -9.10 2.06 -34.02
CA GLN B 103 -8.02 1.80 -34.97
C GLN B 103 -6.83 2.68 -34.64
N VAL B 104 -5.66 2.07 -34.52
CA VAL B 104 -4.43 2.77 -34.21
C VAL B 104 -3.47 2.59 -35.38
N ARG B 105 -3.01 3.70 -35.95
CA ARG B 105 -2.05 3.68 -37.04
C ARG B 105 -0.90 4.60 -36.71
N GLN B 106 0.33 4.12 -36.88
CA GLN B 106 1.52 4.92 -36.64
C GLN B 106 1.99 5.47 -37.98
N VAL B 107 1.81 6.78 -38.18
CA VAL B 107 2.13 7.42 -39.44
C VAL B 107 3.63 7.37 -39.70
N GLU B 108 4.04 7.62 -40.94
CA GLU B 108 5.43 7.44 -41.32
C GLU B 108 6.30 8.62 -40.90
N ASP B 109 6.01 9.80 -41.43
CA ASP B 109 6.86 10.97 -41.21
C ASP B 109 6.44 11.74 -39.97
N TYR B 110 6.33 11.06 -38.85
CA TYR B 110 5.98 11.75 -37.62
C TYR B 110 7.23 12.40 -37.02
N PRO B 111 7.11 13.58 -36.43
CA PRO B 111 8.27 14.22 -35.80
C PRO B 111 8.79 13.39 -34.64
N VAL B 112 10.11 13.44 -34.44
CA VAL B 112 10.79 12.66 -33.43
C VAL B 112 11.57 13.61 -32.53
N ASP B 113 11.45 13.40 -31.22
CA ASP B 113 12.24 14.14 -30.23
C ASP B 113 13.13 13.15 -29.51
N ILE B 114 14.44 13.30 -29.69
CA ILE B 114 15.43 12.41 -29.09
C ILE B 114 16.20 13.21 -28.05
N TYR B 115 16.08 12.82 -26.79
CA TYR B 115 16.85 13.43 -25.71
C TYR B 115 17.94 12.45 -25.29
N TYR B 116 19.19 12.88 -25.42
CA TYR B 116 20.33 12.02 -25.11
C TYR B 116 20.72 12.23 -23.66
N LEU B 117 20.37 11.27 -22.82
CA LEU B 117 20.69 11.30 -21.39
C LEU B 117 21.94 10.46 -21.18
N MET B 118 23.09 11.12 -21.07
CA MET B 118 24.39 10.46 -21.05
C MET B 118 24.92 10.34 -19.63
N ASP B 119 25.43 9.17 -19.28
CA ASP B 119 26.07 8.93 -17.99
C ASP B 119 27.49 9.48 -18.06
N LEU B 120 27.71 10.64 -17.45
CA LEU B 120 29.04 11.25 -17.48
C LEU B 120 29.88 10.85 -16.26
N SER B 121 30.00 9.55 -16.02
CA SER B 121 30.94 9.05 -15.04
C SER B 121 32.32 8.93 -15.67
N TYR B 122 33.31 8.55 -14.86
CA TYR B 122 34.67 8.49 -15.38
C TYR B 122 34.86 7.35 -16.37
N SER B 123 34.13 6.25 -16.19
CA SER B 123 34.26 5.13 -17.12
C SER B 123 33.70 5.46 -18.50
N MET B 124 32.96 6.55 -18.64
CA MET B 124 32.43 6.99 -19.93
C MET B 124 33.19 8.19 -20.47
N LYS B 125 34.44 8.38 -20.06
CA LYS B 125 35.27 9.43 -20.64
C LYS B 125 35.54 9.16 -22.11
N ASP B 126 35.82 7.90 -22.45
CA ASP B 126 36.02 7.54 -23.85
C ASP B 126 34.72 7.59 -24.64
N ASP B 127 33.59 7.28 -23.99
CA ASP B 127 32.30 7.37 -24.66
C ASP B 127 32.00 8.80 -25.11
N LEU B 128 32.32 9.79 -24.28
CA LEU B 128 32.14 11.19 -24.64
C LEU B 128 32.94 11.57 -25.88
N TRP B 129 34.03 10.87 -26.18
CA TRP B 129 34.83 11.16 -27.35
C TRP B 129 34.20 10.65 -28.64
N SER B 130 33.39 9.60 -28.57
CA SER B 130 32.74 9.03 -29.73
C SER B 130 31.40 9.70 -30.04
N ILE B 131 31.03 10.73 -29.28
CA ILE B 131 29.75 11.41 -29.42
C ILE B 131 29.93 12.80 -30.02
N GLN B 132 31.16 13.26 -30.21
CA GLN B 132 31.41 14.63 -30.65
C GLN B 132 30.67 14.96 -31.94
N ASN B 133 30.55 14.01 -32.85
CA ASN B 133 29.87 14.21 -34.11
C ASN B 133 28.60 13.37 -34.23
N LEU B 134 27.95 13.10 -33.09
CA LEU B 134 26.72 12.31 -33.12
C LEU B 134 25.56 13.10 -33.70
N GLY B 135 25.49 14.40 -33.39
CA GLY B 135 24.36 15.19 -33.84
C GLY B 135 24.25 15.26 -35.35
N THR B 136 25.36 15.48 -36.04
CA THR B 136 25.34 15.49 -37.50
C THR B 136 25.02 14.10 -38.04
N LYS B 137 25.61 13.06 -37.46
CA LYS B 137 25.34 11.71 -37.94
C LYS B 137 23.94 11.23 -37.58
N LEU B 138 23.37 11.74 -36.48
CA LEU B 138 22.00 11.37 -36.13
C LEU B 138 20.99 11.98 -37.06
N ALA B 139 21.21 13.24 -37.48
CA ALA B 139 20.29 13.88 -38.41
C ALA B 139 20.26 13.16 -39.76
N THR B 140 21.41 12.73 -40.25
CA THR B 140 21.45 12.03 -41.54
C THR B 140 20.70 10.71 -41.49
N GLN B 141 20.88 9.94 -40.42
CA GLN B 141 20.20 8.66 -40.31
C GLN B 141 18.72 8.80 -40.02
N MET B 142 18.34 9.78 -39.20
CA MET B 142 16.94 10.05 -38.93
C MET B 142 16.24 10.79 -40.05
N ARG B 143 16.99 11.24 -41.07
CA ARG B 143 16.39 11.96 -42.18
C ARG B 143 15.40 11.10 -42.94
N LYS B 144 15.72 9.82 -43.13
CA LYS B 144 14.84 8.92 -43.87
C LYS B 144 13.64 8.45 -43.06
N LEU B 145 13.63 8.68 -41.75
CA LEU B 145 12.52 8.25 -40.91
C LEU B 145 11.62 9.39 -40.46
N THR B 146 12.06 10.64 -40.60
CA THR B 146 11.23 11.77 -40.23
C THR B 146 11.75 13.02 -40.94
N SER B 147 10.87 14.01 -41.06
CA SER B 147 11.23 15.30 -41.64
C SER B 147 11.35 16.39 -40.60
N ASN B 148 11.11 16.09 -39.33
CA ASN B 148 11.19 17.08 -38.25
C ASN B 148 11.80 16.38 -37.04
N LEU B 149 13.12 16.49 -36.90
CA LEU B 149 13.86 15.86 -35.81
C LEU B 149 14.42 16.92 -34.88
N ARG B 150 14.27 16.70 -33.58
CA ARG B 150 14.83 17.57 -32.56
C ARG B 150 15.64 16.71 -31.60
N ILE B 151 16.83 17.19 -31.22
CA ILE B 151 17.72 16.45 -30.34
C ILE B 151 18.15 17.35 -29.19
N GLY B 152 18.39 16.72 -28.04
CA GLY B 152 18.85 17.43 -26.86
C GLY B 152 19.83 16.57 -26.11
N PHE B 153 20.50 17.19 -25.13
CA PHE B 153 21.54 16.51 -24.38
C PHE B 153 21.39 16.80 -22.89
N GLY B 154 21.63 15.77 -22.08
CA GLY B 154 21.63 15.91 -20.64
C GLY B 154 22.58 14.90 -20.04
N ALA B 155 23.09 15.22 -18.85
CA ALA B 155 24.13 14.41 -18.23
C ALA B 155 23.78 14.14 -16.77
N PHE B 156 24.35 13.06 -16.25
CA PHE B 156 24.15 12.68 -14.86
C PHE B 156 25.34 11.83 -14.41
N VAL B 157 25.67 11.93 -13.13
CA VAL B 157 26.62 10.98 -12.54
C VAL B 157 25.96 10.31 -11.35
N ASP B 158 25.67 11.08 -10.30
CA ASP B 158 25.06 10.58 -9.08
C ASP B 158 24.77 11.73 -8.12
N LYS B 159 24.18 11.42 -6.97
CA LYS B 159 23.89 12.46 -6.00
C LYS B 159 25.18 13.01 -5.42
N PRO B 160 25.41 14.33 -5.45
CA PRO B 160 26.64 14.91 -4.90
C PRO B 160 26.63 14.92 -3.37
N VAL B 161 26.80 13.74 -2.78
CA VAL B 161 26.76 13.59 -1.34
C VAL B 161 27.48 12.31 -0.98
N SER B 162 28.19 12.32 0.15
CA SER B 162 28.88 11.14 0.62
C SER B 162 27.86 10.04 0.95
N PRO B 163 28.20 8.76 0.76
CA PRO B 163 29.48 8.21 0.30
C PRO B 163 29.61 8.13 -1.20
N TYR B 164 28.66 8.68 -1.96
CA TYR B 164 28.74 8.63 -3.41
C TYR B 164 29.84 9.52 -3.97
N MET B 165 30.15 10.60 -3.26
CA MET B 165 31.15 11.58 -3.77
C MET B 165 32.35 11.67 -2.81
N TYR B 166 33.57 11.76 -3.35
CA TYR B 166 34.76 11.93 -2.50
C TYR B 166 34.70 13.33 -1.88
N ILE B 167 34.96 13.45 -0.59
CA ILE B 167 34.80 14.77 0.09
C ILE B 167 36.13 15.24 0.70
N SER B 168 37.21 14.47 0.53
CA SER B 168 38.52 14.84 1.13
C SER B 168 39.66 14.52 0.15
N PRO B 169 40.76 15.29 0.11
CA PRO B 169 40.86 16.56 0.81
C PRO B 169 40.11 17.65 0.08
N PRO B 170 40.06 18.91 0.56
CA PRO B 170 39.24 19.94 -0.10
C PRO B 170 39.49 20.07 -1.59
N GLU B 171 40.66 19.70 -2.09
CA GLU B 171 40.90 19.72 -3.52
C GLU B 171 40.18 18.61 -4.26
N ALA B 172 39.65 17.61 -3.55
CA ALA B 172 38.90 16.53 -4.18
C ALA B 172 37.44 16.88 -4.40
N LEU B 173 37.00 18.06 -3.97
CA LEU B 173 35.65 18.52 -4.23
C LEU B 173 35.56 19.33 -5.53
N GLU B 174 36.60 20.09 -5.84
CA GLU B 174 36.68 20.82 -7.09
C GLU B 174 37.38 20.03 -8.18
N ASN B 175 37.88 18.83 -7.88
CA ASN B 175 38.54 17.96 -8.83
C ASN B 175 38.55 16.54 -8.27
N PRO B 176 37.45 15.81 -8.43
CA PRO B 176 37.32 14.49 -7.77
C PRO B 176 38.34 13.46 -8.23
N CYS B 177 39.02 13.67 -9.35
CA CYS B 177 40.01 12.74 -9.84
C CYS B 177 41.41 13.29 -9.66
N TYR B 178 41.65 13.96 -8.54
CA TYR B 178 42.98 14.49 -8.25
C TYR B 178 44.03 13.39 -8.12
N ASP B 179 43.65 12.23 -7.59
CA ASP B 179 44.64 11.23 -7.20
C ASP B 179 45.09 10.34 -8.36
N MET B 180 44.36 10.28 -9.47
CA MET B 180 44.94 9.78 -10.71
C MET B 180 45.58 10.88 -11.55
N LYS B 181 45.92 12.02 -10.93
CA LYS B 181 46.62 13.11 -11.61
C LYS B 181 45.86 13.57 -12.85
N THR B 182 44.56 13.81 -12.71
CA THR B 182 43.72 14.23 -13.81
C THR B 182 42.75 15.30 -13.31
N THR B 183 42.20 16.06 -14.24
CA THR B 183 41.21 17.09 -13.93
C THR B 183 39.84 16.62 -14.37
N CYS B 184 38.88 16.68 -13.45
CA CYS B 184 37.50 16.32 -13.74
C CYS B 184 36.59 17.45 -13.31
N LEU B 185 35.30 17.27 -13.52
CA LEU B 185 34.32 18.23 -13.06
C LEU B 185 33.80 17.84 -11.68
N PRO B 186 33.40 18.81 -10.86
CA PRO B 186 32.77 18.47 -9.58
C PRO B 186 31.51 17.65 -9.81
N MET B 187 31.26 16.73 -8.88
CA MET B 187 30.14 15.81 -9.02
C MET B 187 28.82 16.55 -9.14
N PHE B 188 27.98 16.11 -10.08
CA PHE B 188 26.68 16.68 -10.29
C PHE B 188 25.64 15.58 -10.37
N GLY B 189 24.41 15.91 -9.97
CA GLY B 189 23.32 14.95 -10.01
C GLY B 189 22.73 14.81 -11.39
N TYR B 190 22.27 15.93 -11.95
CA TYR B 190 21.71 15.93 -13.30
C TYR B 190 21.76 17.36 -13.83
N LYS B 191 22.53 17.58 -14.89
CA LYS B 191 22.60 18.87 -15.55
C LYS B 191 21.94 18.76 -16.92
N HIS B 192 21.05 19.69 -17.22
CA HIS B 192 20.42 19.76 -18.53
C HIS B 192 21.27 20.67 -19.41
N VAL B 193 21.85 20.12 -20.47
CA VAL B 193 22.82 20.85 -21.27
C VAL B 193 22.13 21.57 -22.42
N LEU B 194 21.44 20.82 -23.28
CA LEU B 194 20.88 21.36 -24.50
C LEU B 194 19.38 21.09 -24.57
N THR B 195 18.60 22.17 -24.73
CA THR B 195 17.18 22.03 -24.98
C THR B 195 16.96 21.41 -26.35
N LEU B 196 15.88 20.64 -26.48
CA LEU B 196 15.56 19.97 -27.73
C LEU B 196 15.44 20.97 -28.87
N THR B 197 16.37 20.90 -29.83
CA THR B 197 16.42 21.84 -30.93
C THR B 197 16.59 21.09 -32.24
N ASP B 198 16.07 21.69 -33.32
CA ASP B 198 16.22 21.12 -34.65
C ASP B 198 17.62 21.35 -35.23
N GLN B 199 18.31 22.39 -34.79
CA GLN B 199 19.67 22.67 -35.27
C GLN B 199 20.61 21.65 -34.66
N VAL B 200 20.90 20.58 -35.42
CA VAL B 200 21.70 19.48 -34.90
C VAL B 200 23.16 19.86 -34.68
N THR B 201 23.63 20.96 -35.28
CA THR B 201 25.00 21.39 -35.04
C THR B 201 25.20 21.87 -33.60
N ARG B 202 24.13 22.29 -32.92
CA ARG B 202 24.26 22.68 -31.53
C ARG B 202 24.57 21.47 -30.65
N PHE B 203 24.06 20.30 -31.02
CA PHE B 203 24.39 19.09 -30.27
C PHE B 203 25.87 18.79 -30.30
N ASN B 204 26.51 18.94 -31.47
CA ASN B 204 27.94 18.71 -31.56
C ASN B 204 28.72 19.75 -30.75
N GLU B 205 28.31 21.02 -30.82
CA GLU B 205 29.00 22.06 -30.07
C GLU B 205 28.87 21.84 -28.57
N GLU B 206 27.67 21.50 -28.10
CA GLU B 206 27.45 21.37 -26.67
C GLU B 206 28.02 20.08 -26.09
N VAL B 207 28.25 19.06 -26.92
CA VAL B 207 28.73 17.79 -26.40
C VAL B 207 30.25 17.74 -26.27
N LYS B 208 30.98 18.60 -26.97
CA LYS B 208 32.42 18.64 -26.84
C LYS B 208 32.90 19.61 -25.77
N LYS B 209 31.99 20.35 -25.14
CA LYS B 209 32.31 21.15 -23.97
C LYS B 209 31.99 20.43 -22.67
N GLN B 210 31.53 19.19 -22.73
CA GLN B 210 31.21 18.41 -21.55
C GLN B 210 32.46 17.73 -21.00
N SER B 211 32.44 17.45 -19.71
CA SER B 211 33.52 16.73 -19.05
C SER B 211 32.91 15.73 -18.07
N VAL B 212 33.65 14.66 -17.82
CA VAL B 212 33.17 13.60 -16.93
C VAL B 212 33.51 13.98 -15.49
N SER B 213 32.83 13.31 -14.56
CA SER B 213 33.11 13.43 -13.14
C SER B 213 33.47 12.06 -12.59
N ARG B 214 33.66 11.99 -11.28
CA ARG B 214 34.10 10.75 -10.63
C ARG B 214 33.29 10.53 -9.36
N ASN B 215 32.61 9.39 -9.29
CA ASN B 215 31.86 9.03 -8.05
C ASN B 215 32.56 7.83 -7.41
N ARG B 216 32.02 7.30 -6.32
CA ARG B 216 32.71 6.19 -5.61
C ARG B 216 32.04 4.85 -5.89
N ASP B 217 30.73 4.74 -5.64
CA ASP B 217 30.03 3.43 -5.78
C ASP B 217 29.80 3.08 -7.25
N ALA B 218 29.56 1.80 -7.54
CA ALA B 218 29.24 1.38 -8.91
C ALA B 218 27.91 1.92 -9.41
N PRO B 219 26.80 1.80 -8.68
CA PRO B 219 25.53 2.32 -9.21
C PRO B 219 25.56 3.82 -9.38
N GLU B 220 24.82 4.29 -10.39
CA GLU B 220 24.75 5.69 -10.74
C GLU B 220 23.34 6.22 -10.55
N GLY B 221 23.23 7.51 -10.25
CA GLY B 221 21.94 8.14 -10.10
C GLY B 221 21.30 8.48 -11.43
N GLY B 222 20.93 7.45 -12.19
CA GLY B 222 20.36 7.64 -13.51
C GLY B 222 18.87 7.82 -13.49
N PHE B 223 18.17 7.11 -12.61
CA PHE B 223 16.72 7.25 -12.53
C PHE B 223 16.32 8.65 -12.06
N ASP B 224 17.18 9.30 -11.29
CA ASP B 224 16.94 10.71 -10.96
C ASP B 224 16.96 11.57 -12.22
N ALA B 225 17.89 11.29 -13.13
CA ALA B 225 17.95 12.03 -14.39
C ALA B 225 16.75 11.73 -15.27
N ILE B 226 16.31 10.47 -15.30
CA ILE B 226 15.15 10.10 -16.12
C ILE B 226 13.91 10.82 -15.62
N MET B 227 13.71 10.88 -14.30
CA MET B 227 12.57 11.60 -13.75
C MET B 227 12.59 13.07 -14.15
N GLN B 228 13.73 13.73 -14.02
CA GLN B 228 13.80 15.16 -14.31
C GLN B 228 13.70 15.43 -15.81
N ALA B 229 14.25 14.55 -16.65
CA ALA B 229 14.11 14.71 -18.08
C ALA B 229 12.67 14.48 -18.54
N THR B 230 11.88 13.75 -17.77
CA THR B 230 10.51 13.43 -18.12
C THR B 230 9.54 14.53 -17.69
N VAL B 231 9.66 15.01 -16.45
CA VAL B 231 8.69 15.94 -15.89
C VAL B 231 9.01 17.40 -16.16
N CYS B 232 10.20 17.71 -16.67
CA CYS B 232 10.56 19.08 -17.01
C CYS B 232 10.33 19.27 -18.52
N ASP B 233 9.05 19.33 -18.89
CA ASP B 233 8.70 19.48 -20.31
C ASP B 233 9.16 20.83 -20.86
N GLU B 234 8.85 21.91 -20.15
CA GLU B 234 9.22 23.24 -20.62
C GLU B 234 10.72 23.45 -20.64
N LYS B 235 11.47 22.73 -19.81
CA LYS B 235 12.92 22.88 -19.76
C LYS B 235 13.60 21.99 -20.81
N ILE B 236 13.24 20.71 -20.84
CA ILE B 236 13.83 19.80 -21.83
C ILE B 236 13.37 20.19 -23.24
N GLY B 237 12.09 20.50 -23.40
CA GLY B 237 11.59 20.99 -24.67
C GLY B 237 10.85 19.96 -25.48
N TRP B 238 10.12 19.06 -24.82
CA TRP B 238 9.34 18.06 -25.53
C TRP B 238 8.24 18.72 -26.33
N ARG B 239 7.85 18.07 -27.42
CA ARG B 239 6.78 18.55 -28.30
C ARG B 239 5.58 17.63 -28.19
N ASN B 240 4.39 18.23 -28.16
CA ASN B 240 3.17 17.43 -28.11
C ASN B 240 2.99 16.59 -29.37
N ASP B 241 3.25 17.18 -30.53
CA ASP B 241 3.07 16.49 -31.81
C ASP B 241 4.40 15.91 -32.29
N ALA B 242 4.92 14.96 -31.52
CA ALA B 242 6.19 14.32 -31.87
C ALA B 242 6.35 13.05 -31.05
N SER B 243 7.15 12.13 -31.57
CA SER B 243 7.56 10.97 -30.82
C SER B 243 8.66 11.36 -29.83
N HIS B 244 8.58 10.83 -28.63
CA HIS B 244 9.51 11.19 -27.56
C HIS B 244 10.39 9.98 -27.26
N LEU B 245 11.66 10.09 -27.64
CA LEU B 245 12.66 9.07 -27.34
C LEU B 245 13.63 9.61 -26.30
N LEU B 246 13.80 8.86 -25.22
CA LEU B 246 14.74 9.22 -24.16
C LEU B 246 15.85 8.18 -24.18
N VAL B 247 16.96 8.52 -24.81
CA VAL B 247 18.10 7.61 -24.92
C VAL B 247 18.88 7.66 -23.62
N PHE B 248 18.83 6.59 -22.85
CA PHE B 248 19.47 6.50 -21.54
C PHE B 248 20.71 5.63 -21.67
N THR B 249 21.87 6.26 -21.75
CA THR B 249 23.14 5.56 -21.95
C THR B 249 23.88 5.47 -20.64
N THR B 250 24.25 4.25 -20.25
CA THR B 250 25.00 4.02 -19.02
C THR B 250 25.74 2.70 -19.15
N ASP B 251 26.73 2.51 -18.28
CA ASP B 251 27.51 1.28 -18.26
C ASP B 251 27.54 0.61 -16.90
N ALA B 252 26.89 1.20 -15.89
CA ALA B 252 26.89 0.62 -14.55
C ALA B 252 25.47 0.39 -14.06
N LYS B 253 25.33 -0.05 -12.82
CA LYS B 253 24.01 -0.24 -12.24
C LYS B 253 23.34 1.10 -12.00
N THR B 254 22.13 1.07 -11.47
CA THR B 254 21.37 2.29 -11.20
C THR B 254 20.84 2.25 -9.77
N HIS B 255 20.79 3.42 -9.15
CA HIS B 255 20.19 3.56 -7.84
C HIS B 255 18.67 3.60 -7.97
N ILE B 256 17.99 2.91 -7.06
CA ILE B 256 16.53 2.89 -7.03
C ILE B 256 16.08 3.59 -5.76
N ALA B 257 14.77 3.68 -5.56
CA ALA B 257 14.25 4.31 -4.36
C ALA B 257 14.70 3.54 -3.12
N LEU B 258 14.79 4.27 -2.00
CA LEU B 258 15.26 3.78 -0.71
C LEU B 258 16.75 3.50 -0.69
N ASP B 259 17.44 3.68 -1.81
CA ASP B 259 18.90 3.64 -1.80
C ASP B 259 19.51 4.95 -1.34
N GLY B 260 18.73 6.02 -1.27
CA GLY B 260 19.22 7.30 -0.78
C GLY B 260 19.37 7.39 0.72
N ARG B 261 18.89 6.38 1.46
CA ARG B 261 19.08 6.36 2.90
C ARG B 261 20.55 6.17 3.26
N LEU B 262 21.36 5.62 2.35
CA LEU B 262 22.79 5.51 2.61
C LEU B 262 23.44 6.88 2.76
N ALA B 263 22.91 7.89 2.07
CA ALA B 263 23.43 9.24 2.16
C ALA B 263 22.68 10.10 3.17
N GLY B 264 21.71 9.53 3.89
CA GLY B 264 20.92 10.29 4.83
C GLY B 264 19.70 10.93 4.25
N ILE B 265 19.26 10.52 3.05
CA ILE B 265 18.10 11.09 2.39
C ILE B 265 16.95 10.11 2.52
N VAL B 266 15.81 10.59 3.01
CA VAL B 266 14.68 9.72 3.26
C VAL B 266 13.43 10.27 2.57
N GLN B 267 13.46 11.53 2.18
CA GLN B 267 12.30 12.16 1.57
C GLN B 267 12.04 11.53 0.20
N PRO B 268 10.87 10.96 -0.04
CA PRO B 268 10.62 10.28 -1.31
C PRO B 268 10.55 11.26 -2.47
N ASN B 269 10.82 10.73 -3.67
CA ASN B 269 10.73 11.54 -4.87
C ASN B 269 9.27 11.88 -5.16
N ASP B 270 9.00 13.17 -5.36
CA ASP B 270 7.65 13.64 -5.61
C ASP B 270 7.30 13.72 -7.09
N GLY B 271 8.26 13.46 -7.97
CA GLY B 271 7.99 13.51 -9.40
C GLY B 271 7.77 14.89 -9.95
N GLN B 272 8.32 15.92 -9.31
CA GLN B 272 8.18 17.28 -9.77
C GLN B 272 9.45 17.73 -10.51
N CYS B 273 9.35 18.89 -11.14
CA CYS B 273 10.48 19.46 -11.88
C CYS B 273 11.27 20.35 -10.94
N HIS B 274 12.51 19.94 -10.64
CA HIS B 274 13.37 20.67 -9.73
C HIS B 274 14.61 21.24 -10.43
N VAL B 275 14.59 21.32 -11.75
CA VAL B 275 15.68 21.93 -12.50
C VAL B 275 15.45 23.43 -12.54
N GLY B 276 16.41 24.19 -12.03
CA GLY B 276 16.30 25.63 -11.95
C GLY B 276 16.78 26.34 -13.19
N SER B 277 17.06 27.63 -13.04
CA SER B 277 17.59 28.42 -14.14
C SER B 277 19.05 28.09 -14.43
N ASP B 278 19.73 27.41 -13.51
CA ASP B 278 21.10 26.96 -13.73
C ASP B 278 21.16 25.59 -14.38
N ASN B 279 20.01 25.04 -14.78
CA ASN B 279 19.94 23.77 -15.51
C ASN B 279 20.52 22.62 -14.70
N HIS B 280 20.41 22.72 -13.38
CA HIS B 280 20.89 21.69 -12.48
C HIS B 280 19.76 21.16 -11.62
N TYR B 281 19.79 19.86 -11.35
CA TYR B 281 18.80 19.23 -10.48
C TYR B 281 19.07 19.69 -9.05
N SER B 282 18.33 20.70 -8.60
CA SER B 282 18.62 21.35 -7.33
C SER B 282 18.22 20.51 -6.13
N ALA B 283 17.33 19.53 -6.31
CA ALA B 283 16.88 18.68 -5.22
C ALA B 283 17.54 17.30 -5.25
N SER B 284 18.78 17.23 -5.74
CA SER B 284 19.45 15.95 -5.84
C SER B 284 19.95 15.47 -4.49
N THR B 285 20.36 16.39 -3.63
CA THR B 285 20.91 16.06 -2.33
C THR B 285 19.87 16.03 -1.21
N THR B 286 18.61 16.36 -1.51
CA THR B 286 17.57 16.42 -0.50
C THR B 286 16.42 15.47 -0.75
N MET B 287 16.39 14.78 -1.89
CA MET B 287 15.25 13.95 -2.27
C MET B 287 15.74 12.60 -2.75
N ASP B 288 15.05 11.54 -2.32
CA ASP B 288 15.45 10.18 -2.62
C ASP B 288 15.32 9.89 -4.11
N TYR B 289 15.91 8.77 -4.52
CA TYR B 289 15.79 8.32 -5.90
C TYR B 289 14.35 7.89 -6.18
N PRO B 290 13.88 8.06 -7.42
CA PRO B 290 12.54 7.60 -7.76
C PRO B 290 12.48 6.09 -7.85
N SER B 291 11.30 5.55 -7.62
CA SER B 291 11.09 4.12 -7.73
C SER B 291 10.64 3.77 -9.15
N LEU B 292 10.60 2.46 -9.43
CA LEU B 292 10.17 2.01 -10.74
C LEU B 292 8.73 2.41 -11.02
N GLY B 293 7.85 2.27 -10.04
CA GLY B 293 6.45 2.61 -10.26
C GLY B 293 6.24 4.08 -10.54
N LEU B 294 6.86 4.95 -9.74
CA LEU B 294 6.73 6.38 -9.97
C LEU B 294 7.36 6.78 -11.30
N MET B 295 8.54 6.23 -11.62
CA MET B 295 9.18 6.54 -12.88
C MET B 295 8.37 6.03 -14.06
N THR B 296 7.76 4.85 -13.94
CA THR B 296 6.90 4.33 -15.00
C THR B 296 5.68 5.22 -15.21
N GLU B 297 5.08 5.70 -14.12
CA GLU B 297 3.88 6.51 -14.23
C GLU B 297 4.15 7.80 -14.99
N LYS B 298 5.26 8.47 -14.67
CA LYS B 298 5.57 9.74 -15.34
C LYS B 298 5.96 9.53 -16.79
N LEU B 299 6.59 8.39 -17.12
CA LEU B 299 6.88 8.09 -18.51
C LEU B 299 5.60 7.93 -19.33
N SER B 300 4.62 7.21 -18.77
CA SER B 300 3.33 7.07 -19.46
C SER B 300 2.57 8.38 -19.49
N GLN B 301 2.66 9.16 -18.42
CA GLN B 301 1.94 10.43 -18.36
C GLN B 301 2.46 11.40 -19.42
N LYS B 302 3.77 11.44 -19.64
CA LYS B 302 4.38 12.37 -20.58
C LYS B 302 4.57 11.76 -21.96
N ASN B 303 4.17 10.51 -22.17
CA ASN B 303 4.27 9.84 -23.46
C ASN B 303 5.71 9.82 -23.97
N ILE B 304 6.57 9.17 -23.20
CA ILE B 304 8.00 9.11 -23.48
C ILE B 304 8.42 7.65 -23.61
N ASN B 305 9.08 7.32 -24.72
CA ASN B 305 9.64 6.00 -24.92
C ASN B 305 11.08 5.98 -24.45
N LEU B 306 11.36 5.21 -23.41
CA LEU B 306 12.68 5.17 -22.80
C LEU B 306 13.51 4.07 -23.46
N ILE B 307 14.73 4.43 -23.86
CA ILE B 307 15.65 3.49 -24.52
C ILE B 307 16.84 3.29 -23.59
N PHE B 308 17.10 2.05 -23.23
CA PHE B 308 18.26 1.69 -22.42
C PHE B 308 19.42 1.37 -23.36
N ALA B 309 20.37 2.29 -23.47
CA ALA B 309 21.59 2.06 -24.25
C ALA B 309 22.69 1.69 -23.27
N VAL B 310 22.71 0.42 -22.89
CA VAL B 310 23.57 -0.06 -21.82
C VAL B 310 24.61 -1.02 -22.39
N THR B 311 25.73 -1.13 -21.69
CA THR B 311 26.81 -2.01 -22.10
C THR B 311 26.44 -3.47 -21.84
N GLU B 312 27.32 -4.37 -22.27
CA GLU B 312 27.02 -5.80 -22.17
C GLU B 312 27.01 -6.30 -20.73
N ASN B 313 27.72 -5.64 -19.82
CA ASN B 313 27.82 -6.14 -18.45
C ASN B 313 26.53 -5.92 -17.66
N VAL B 314 25.67 -5.01 -18.11
CA VAL B 314 24.42 -4.74 -17.40
C VAL B 314 23.24 -4.83 -18.37
N VAL B 315 23.44 -5.53 -19.49
CA VAL B 315 22.36 -5.65 -20.46
C VAL B 315 21.23 -6.50 -19.90
N ASN B 316 21.56 -7.55 -19.12
CA ASN B 316 20.53 -8.40 -18.55
C ASN B 316 19.76 -7.70 -17.43
N LEU B 317 20.42 -6.87 -16.64
CA LEU B 317 19.74 -6.15 -15.58
C LEU B 317 18.70 -5.20 -16.14
N TYR B 318 19.07 -4.41 -17.14
CA TYR B 318 18.14 -3.45 -17.73
C TYR B 318 17.14 -4.11 -18.65
N GLN B 319 17.40 -5.32 -19.10
CA GLN B 319 16.39 -6.05 -19.90
C GLN B 319 15.28 -6.48 -18.91
N ASN B 320 15.66 -6.81 -17.67
CA ASN B 320 14.66 -7.15 -16.67
C ASN B 320 13.91 -5.93 -16.18
N TYR B 321 14.56 -4.77 -16.16
CA TYR B 321 13.85 -3.53 -15.86
C TYR B 321 12.87 -3.17 -16.96
N SER B 322 13.25 -3.39 -18.23
CA SER B 322 12.38 -3.05 -19.35
C SER B 322 11.09 -3.87 -19.35
N GLU B 323 11.12 -5.09 -18.82
CA GLU B 323 9.91 -5.89 -18.75
C GLU B 323 8.88 -5.30 -17.79
N LEU B 324 9.31 -4.45 -16.87
CA LEU B 324 8.40 -3.81 -15.94
C LEU B 324 7.96 -2.42 -16.36
N ILE B 325 8.64 -1.80 -17.32
CA ILE B 325 8.32 -0.46 -17.80
C ILE B 325 7.79 -0.60 -19.22
N PRO B 326 6.51 -0.37 -19.46
CA PRO B 326 5.99 -0.48 -20.83
C PRO B 326 6.58 0.58 -21.75
N GLY B 327 6.70 0.21 -23.02
CA GLY B 327 7.22 1.12 -24.02
C GLY B 327 8.71 1.34 -23.99
N THR B 328 9.47 0.44 -23.37
CA THR B 328 10.91 0.57 -23.26
C THR B 328 11.61 -0.58 -23.98
N THR B 329 12.77 -0.28 -24.55
CA THR B 329 13.59 -1.28 -25.21
C THR B 329 15.04 -1.08 -24.77
N VAL B 330 15.82 -2.15 -24.87
CA VAL B 330 17.20 -2.16 -24.41
C VAL B 330 18.10 -2.50 -25.59
N GLY B 331 19.14 -1.69 -25.78
CA GLY B 331 20.15 -1.93 -26.80
C GLY B 331 21.50 -2.16 -26.16
N VAL B 332 22.35 -2.93 -26.83
CA VAL B 332 23.67 -3.27 -26.31
C VAL B 332 24.65 -2.19 -26.75
N LEU B 333 25.02 -1.32 -25.81
CA LEU B 333 25.96 -0.26 -26.10
C LEU B 333 27.40 -0.78 -26.05
N SER B 334 28.25 -0.17 -26.88
CA SER B 334 29.66 -0.54 -26.88
C SER B 334 30.37 0.09 -25.68
N MET B 335 31.59 -0.38 -25.42
CA MET B 335 32.34 0.14 -24.28
C MET B 335 32.67 1.61 -24.44
N ASP B 336 32.85 2.08 -25.68
CA ASP B 336 33.03 3.48 -25.97
C ASP B 336 31.80 4.10 -26.62
N SER B 337 30.67 3.38 -26.62
CA SER B 337 29.42 3.86 -27.23
C SER B 337 29.64 4.26 -28.68
N SER B 338 30.37 3.43 -29.42
CA SER B 338 30.65 3.72 -30.83
C SER B 338 29.50 3.37 -31.75
N ASN B 339 28.51 2.62 -31.27
CA ASN B 339 27.37 2.20 -32.08
C ASN B 339 26.05 2.76 -31.56
N VAL B 340 26.10 3.86 -30.79
CA VAL B 340 24.88 4.44 -30.26
C VAL B 340 23.99 5.00 -31.36
N LEU B 341 24.57 5.42 -32.49
CA LEU B 341 23.75 5.89 -33.60
C LEU B 341 22.90 4.78 -34.17
N GLN B 342 23.51 3.61 -34.41
CA GLN B 342 22.74 2.47 -34.90
C GLN B 342 21.79 1.95 -33.84
N LEU B 343 22.14 2.10 -32.57
CA LEU B 343 21.25 1.67 -31.49
C LEU B 343 19.97 2.48 -31.48
N ILE B 344 20.07 3.80 -31.67
CA ILE B 344 18.89 4.66 -31.65
C ILE B 344 17.97 4.32 -32.81
N VAL B 345 18.52 4.14 -34.01
CA VAL B 345 17.71 3.83 -35.18
C VAL B 345 17.03 2.48 -35.00
N ASP B 346 17.77 1.47 -34.52
CA ASP B 346 17.17 0.16 -34.30
C ASP B 346 16.13 0.21 -33.19
N ALA B 347 16.39 0.96 -32.11
CA ALA B 347 15.43 1.05 -31.03
C ALA B 347 14.15 1.75 -31.48
N TYR B 348 14.29 2.81 -32.28
CA TYR B 348 13.10 3.51 -32.78
C TYR B 348 12.26 2.60 -33.64
N GLY B 349 12.90 1.79 -34.49
CA GLY B 349 12.15 0.80 -35.25
C GLY B 349 11.55 -0.27 -34.36
N LYS B 350 12.29 -0.70 -33.33
CA LYS B 350 11.76 -1.69 -32.40
C LYS B 350 10.61 -1.13 -31.59
N ILE B 351 10.72 0.12 -31.16
CA ILE B 351 9.65 0.74 -30.38
C ILE B 351 8.39 0.88 -31.22
N ARG B 352 8.53 1.30 -32.48
CA ARG B 352 7.39 1.50 -33.36
C ARG B 352 6.89 0.19 -33.97
N SER B 353 7.55 -0.92 -33.71
CA SER B 353 7.10 -2.22 -34.19
C SER B 353 6.07 -2.86 -33.27
N LYS B 354 5.71 -2.21 -32.17
CA LYS B 354 4.74 -2.72 -31.22
C LYS B 354 3.77 -1.62 -30.85
N VAL B 355 2.48 -1.95 -30.85
CA VAL B 355 1.42 -1.04 -30.45
C VAL B 355 0.74 -1.64 -29.22
N GLU B 356 0.76 -0.90 -28.11
CA GLU B 356 0.18 -1.36 -26.85
C GLU B 356 -0.82 -0.34 -26.35
N LEU B 357 -2.02 -0.80 -26.03
CA LEU B 357 -3.05 0.08 -25.51
C LEU B 357 -2.85 0.36 -24.03
N GLU B 358 -3.33 1.51 -23.58
CA GLU B 358 -3.21 1.92 -22.19
C GLU B 358 -4.45 2.70 -21.80
N VAL B 359 -5.10 2.27 -20.73
CA VAL B 359 -6.35 2.88 -20.27
C VAL B 359 -6.07 3.69 -19.02
N ARG B 360 -6.64 4.90 -18.96
CA ARG B 360 -6.43 5.79 -17.83
C ARG B 360 -7.77 6.32 -17.34
N ASP B 361 -7.82 6.63 -16.03
CA ASP B 361 -9.02 7.13 -15.37
C ASP B 361 -10.19 6.16 -15.52
N LEU B 362 -9.92 4.86 -15.48
CA LEU B 362 -10.98 3.88 -15.59
C LEU B 362 -11.77 3.81 -14.30
N PRO B 363 -13.10 3.94 -14.36
CA PRO B 363 -13.90 3.79 -13.13
C PRO B 363 -13.74 2.38 -12.55
N GLU B 364 -13.77 2.32 -11.22
CA GLU B 364 -13.51 1.06 -10.53
C GLU B 364 -14.60 0.02 -10.75
N GLU B 365 -15.77 0.44 -11.23
CA GLU B 365 -16.87 -0.48 -11.50
C GLU B 365 -16.91 -0.93 -12.95
N LEU B 366 -15.96 -0.49 -13.77
CA LEU B 366 -15.92 -0.83 -15.20
C LEU B 366 -14.82 -1.84 -15.46
N SER B 367 -15.13 -2.84 -16.28
CA SER B 367 -14.18 -3.87 -16.68
C SER B 367 -14.05 -3.89 -18.19
N LEU B 368 -12.81 -3.85 -18.69
CA LEU B 368 -12.59 -3.75 -20.15
C LEU B 368 -12.01 -5.05 -20.71
N SER B 369 -12.43 -5.45 -21.91
CA SER B 369 -11.88 -6.66 -22.57
C SER B 369 -11.38 -6.28 -23.97
N PHE B 370 -10.14 -6.64 -24.32
CA PHE B 370 -9.57 -6.20 -25.61
C PHE B 370 -9.30 -7.39 -26.52
N ASN B 371 -9.81 -7.36 -27.75
CA ASN B 371 -9.50 -8.45 -28.73
C ASN B 371 -8.57 -7.86 -29.79
N ALA B 372 -7.26 -8.03 -29.63
CA ALA B 372 -6.28 -7.42 -30.56
C ALA B 372 -6.41 -8.00 -31.96
N THR B 373 -6.30 -7.16 -32.99
CA THR B 373 -6.31 -7.64 -34.39
C THR B 373 -5.11 -7.04 -35.09
N CYS B 374 -4.01 -7.77 -35.18
CA CYS B 374 -2.77 -7.22 -35.77
C CYS B 374 -2.78 -7.35 -37.30
N LEU B 375 -1.60 -7.46 -37.92
CA LEU B 375 -1.53 -7.64 -39.37
C LEU B 375 -2.27 -8.88 -39.84
N ASN B 376 -2.64 -8.90 -41.11
CA ASN B 376 -3.54 -9.91 -41.70
C ASN B 376 -4.88 -9.75 -40.99
N ASN B 377 -5.48 -10.81 -40.47
CA ASN B 377 -6.77 -10.72 -39.78
C ASN B 377 -6.76 -11.59 -38.53
N GLU B 378 -5.66 -11.54 -37.79
CA GLU B 378 -5.52 -12.39 -36.58
C GLU B 378 -6.20 -11.71 -35.39
N VAL B 379 -7.43 -12.14 -35.07
CA VAL B 379 -8.14 -11.58 -33.88
C VAL B 379 -7.67 -12.34 -32.63
N ILE B 380 -6.47 -12.00 -32.14
CA ILE B 380 -5.96 -12.64 -30.89
C ILE B 380 -6.72 -12.04 -29.70
N PRO B 381 -7.55 -12.81 -28.99
CA PRO B 381 -8.36 -12.25 -27.91
C PRO B 381 -7.63 -12.12 -26.59
N GLY B 382 -8.10 -11.23 -25.72
CA GLY B 382 -7.49 -11.05 -24.39
C GLY B 382 -6.20 -10.27 -24.46
N LEU B 383 -5.87 -9.72 -25.63
CA LEU B 383 -4.59 -8.97 -25.80
C LEU B 383 -4.90 -7.50 -26.09
N LYS B 384 -4.23 -6.58 -25.39
CA LYS B 384 -4.42 -5.13 -25.65
C LYS B 384 -3.18 -4.59 -26.36
N SER B 385 -2.30 -5.48 -26.83
CA SER B 385 -1.10 -5.04 -27.51
C SER B 385 -0.80 -5.95 -28.68
N CYS B 386 -0.43 -5.35 -29.82
CA CYS B 386 0.04 -6.08 -30.98
C CYS B 386 1.55 -5.93 -31.09
N MET B 387 2.22 -6.91 -31.55
CA MET B 387 3.70 -6.85 -31.67
C MET B 387 4.08 -7.37 -33.06
N GLY B 388 5.22 -7.01 -33.55
CA GLY B 388 5.73 -7.35 -34.87
C GLY B 388 5.27 -6.43 -35.99
N LEU B 389 4.78 -5.24 -35.67
CA LEU B 389 4.27 -4.33 -36.69
C LEU B 389 5.43 -3.63 -37.38
N LYS B 390 5.09 -2.67 -38.23
CA LYS B 390 6.05 -1.77 -38.85
C LYS B 390 5.46 -0.38 -38.93
N ILE B 391 6.24 0.58 -39.41
CA ILE B 391 5.75 1.93 -39.56
C ILE B 391 4.73 1.98 -40.69
N GLY B 392 3.56 2.56 -40.41
CA GLY B 392 2.49 2.65 -41.37
C GLY B 392 1.40 1.61 -41.21
N ASP B 393 1.58 0.64 -40.33
CA ASP B 393 0.57 -0.39 -40.12
C ASP B 393 -0.65 0.20 -39.40
N THR B 394 -1.78 -0.48 -39.55
CA THR B 394 -3.05 -0.04 -38.96
C THR B 394 -3.64 -1.21 -38.20
N VAL B 395 -3.48 -1.21 -36.87
CA VAL B 395 -4.04 -2.31 -36.02
C VAL B 395 -5.42 -1.89 -35.53
N SER B 396 -6.21 -2.85 -35.05
CA SER B 396 -7.56 -2.54 -34.51
C SER B 396 -7.79 -3.35 -33.22
N PHE B 397 -8.44 -2.74 -32.23
CA PHE B 397 -8.64 -3.41 -30.92
C PHE B 397 -10.12 -3.32 -30.52
N SER B 398 -10.86 -4.42 -30.64
CA SER B 398 -12.27 -4.42 -30.17
C SER B 398 -12.28 -4.40 -28.63
N ILE B 399 -13.04 -3.49 -28.02
CA ILE B 399 -13.03 -3.35 -26.54
C ILE B 399 -14.46 -3.54 -26.00
N GLU B 400 -14.60 -4.27 -24.88
CA GLU B 400 -15.93 -4.49 -24.29
C GLU B 400 -15.96 -3.89 -22.88
N ALA B 401 -16.83 -2.90 -22.65
CA ALA B 401 -16.89 -2.23 -21.32
C ALA B 401 -18.07 -2.79 -20.52
N LYS B 402 -17.77 -3.48 -19.41
CA LYS B 402 -18.82 -4.03 -18.57
C LYS B 402 -18.81 -3.32 -17.22
N VAL B 403 -19.99 -2.99 -16.71
CA VAL B 403 -20.15 -2.22 -15.49
C VAL B 403 -20.81 -3.10 -14.45
N ARG B 404 -20.19 -3.20 -13.26
CA ARG B 404 -20.75 -3.95 -12.14
C ARG B 404 -21.78 -3.07 -11.44
N GLY B 405 -23.00 -3.58 -11.33
CA GLY B 405 -24.06 -2.81 -10.67
C GLY B 405 -24.34 -1.51 -11.40
N CYS B 406 -24.54 -0.45 -10.63
CA CYS B 406 -24.77 0.86 -11.20
C CYS B 406 -24.16 1.94 -10.32
N PRO B 407 -23.11 2.62 -10.79
CA PRO B 407 -22.55 3.74 -10.03
C PRO B 407 -23.54 4.90 -9.94
N GLN B 408 -23.43 5.65 -8.85
CA GLN B 408 -24.38 6.73 -8.58
C GLN B 408 -24.02 8.03 -9.28
N GLU B 409 -22.80 8.16 -9.81
CA GLU B 409 -22.40 9.41 -10.46
C GLU B 409 -23.08 9.58 -11.81
N LYS B 410 -23.37 8.48 -12.50
CA LYS B 410 -24.13 8.48 -13.75
C LYS B 410 -23.43 9.25 -14.86
N GLU B 411 -22.20 9.70 -14.62
CA GLU B 411 -21.44 10.42 -15.65
C GLU B 411 -19.96 10.27 -15.34
N LYS B 412 -19.29 9.38 -16.07
CA LYS B 412 -17.86 9.17 -15.93
C LYS B 412 -17.22 9.08 -17.31
N SER B 413 -15.94 9.41 -17.37
CA SER B 413 -15.21 9.38 -18.62
C SER B 413 -13.81 8.83 -18.39
N PHE B 414 -13.37 7.94 -19.29
CA PHE B 414 -12.02 7.40 -19.27
C PHE B 414 -11.45 7.46 -20.68
N THR B 415 -10.13 7.31 -20.74
CA THR B 415 -9.43 7.44 -22.03
C THR B 415 -8.62 6.20 -22.34
N ILE B 416 -8.67 5.76 -23.59
CA ILE B 416 -7.90 4.62 -24.09
C ILE B 416 -6.86 5.17 -25.05
N LYS B 417 -5.59 4.89 -24.76
CA LYS B 417 -4.49 5.56 -25.45
C LYS B 417 -3.36 4.57 -25.74
N PRO B 418 -2.84 4.58 -26.96
CA PRO B 418 -1.63 3.80 -27.24
C PRO B 418 -0.44 4.35 -26.46
N VAL B 419 0.48 3.45 -26.13
CA VAL B 419 1.62 3.83 -25.31
C VAL B 419 2.55 4.73 -26.11
N GLY B 420 2.91 5.87 -25.54
CA GLY B 420 3.85 6.78 -26.16
C GLY B 420 3.26 7.74 -27.17
N PHE B 421 1.94 7.80 -27.32
CA PHE B 421 1.29 8.67 -28.28
C PHE B 421 0.34 9.62 -27.58
N LYS B 422 0.33 10.87 -28.01
CA LYS B 422 -0.61 11.84 -27.47
C LYS B 422 -2.04 11.49 -27.84
N ASP B 423 -2.26 11.02 -29.06
CA ASP B 423 -3.61 10.73 -29.53
C ASP B 423 -4.26 9.66 -28.68
N SER B 424 -5.53 9.88 -28.35
CA SER B 424 -6.24 8.97 -27.46
C SER B 424 -7.72 8.99 -27.81
N LEU B 425 -8.41 7.93 -27.38
CA LEU B 425 -9.85 7.82 -27.53
C LEU B 425 -10.50 8.17 -26.20
N ILE B 426 -11.33 9.21 -26.19
CA ILE B 426 -12.00 9.66 -24.98
C ILE B 426 -13.38 9.02 -24.94
N VAL B 427 -13.60 8.15 -23.97
CA VAL B 427 -14.87 7.44 -23.82
C VAL B 427 -15.67 8.12 -22.72
N GLN B 428 -16.87 8.58 -23.05
CA GLN B 428 -17.77 9.19 -22.09
C GLN B 428 -18.85 8.19 -21.72
N VAL B 429 -18.84 7.73 -20.48
CA VAL B 429 -19.79 6.72 -20.01
C VAL B 429 -20.97 7.43 -19.37
N THR B 430 -22.17 7.07 -19.80
CA THR B 430 -23.41 7.64 -19.28
C THR B 430 -24.29 6.48 -18.81
N PHE B 431 -24.17 6.14 -17.53
CA PHE B 431 -24.96 5.04 -16.97
C PHE B 431 -26.43 5.42 -16.93
N ASP B 432 -27.29 4.46 -17.25
CA ASP B 432 -28.74 4.66 -17.33
C ASP B 432 -29.41 3.68 -16.39
N CYS B 433 -29.63 4.10 -15.14
CA CYS B 433 -30.25 3.26 -14.13
C CYS B 433 -31.61 3.79 -13.68
N ASP B 434 -32.19 4.74 -14.40
CA ASP B 434 -33.46 5.33 -14.02
C ASP B 434 -34.37 5.39 -15.25
N CYS B 435 -35.67 5.43 -14.98
CA CYS B 435 -36.68 5.46 -16.03
C CYS B 435 -37.14 6.89 -16.31
N ALA B 436 -37.88 7.04 -17.40
CA ALA B 436 -38.48 8.33 -17.72
C ALA B 436 -39.65 8.67 -16.80
N CYS B 437 -40.29 7.65 -16.20
CA CYS B 437 -41.38 7.91 -15.28
C CYS B 437 -40.90 8.64 -14.02
N GLN B 438 -39.69 8.33 -13.56
CA GLN B 438 -39.15 9.01 -12.38
C GLN B 438 -38.96 10.51 -12.61
N ALA B 439 -38.90 10.95 -13.87
CA ALA B 439 -38.87 12.39 -14.14
C ALA B 439 -40.14 13.07 -13.64
N GLN B 440 -41.29 12.41 -13.82
CA GLN B 440 -42.53 12.93 -13.26
C GLN B 440 -42.45 13.02 -11.75
N ALA B 441 -41.93 11.96 -11.11
CA ALA B 441 -41.72 11.91 -9.66
C ALA B 441 -42.99 12.28 -8.90
N GLU B 442 -44.03 11.49 -9.11
CA GLU B 442 -45.31 11.76 -8.48
C GLU B 442 -45.24 11.55 -6.98
N PRO B 443 -45.53 12.55 -6.16
CA PRO B 443 -45.50 12.37 -4.70
C PRO B 443 -46.72 11.63 -4.20
N ASN B 444 -46.87 11.55 -2.88
CA ASN B 444 -48.02 10.91 -2.26
C ASN B 444 -49.33 11.51 -2.81
N SER B 445 -50.10 10.69 -3.52
CA SER B 445 -51.32 11.14 -4.19
C SER B 445 -52.53 10.44 -3.59
N HIS B 446 -53.71 10.82 -4.08
CA HIS B 446 -54.96 10.27 -3.57
C HIS B 446 -55.10 8.78 -3.87
N ARG B 447 -54.33 8.24 -4.81
CA ARG B 447 -54.43 6.83 -5.13
C ARG B 447 -53.66 5.94 -4.16
N CYS B 448 -52.96 6.59 -3.22
CA CYS B 448 -52.21 5.84 -2.19
C CYS B 448 -52.70 6.30 -0.82
N ASN B 449 -53.84 5.77 -0.36
CA ASN B 449 -54.45 6.21 0.93
C ASN B 449 -54.55 7.74 0.97
N ASN B 450 -55.11 8.34 -0.08
CA ASN B 450 -55.32 9.82 -0.10
C ASN B 450 -54.06 10.54 0.38
N GLY B 451 -52.92 10.27 -0.25
CA GLY B 451 -51.68 10.97 0.08
C GLY B 451 -50.81 10.23 1.08
N ASN B 452 -50.63 8.93 0.87
CA ASN B 452 -49.77 8.12 1.73
C ASN B 452 -48.88 7.21 0.89
N GLY B 453 -48.43 7.71 -0.26
CA GLY B 453 -47.53 6.94 -1.10
C GLY B 453 -47.33 7.48 -2.49
N THR B 454 -46.09 7.43 -2.96
CA THR B 454 -45.75 7.98 -4.27
C THR B 454 -46.27 7.08 -5.39
N PHE B 455 -46.97 7.69 -6.35
CA PHE B 455 -47.46 7.01 -7.53
C PHE B 455 -46.52 7.20 -8.72
N GLU B 456 -45.31 6.66 -8.64
CA GLU B 456 -44.37 6.78 -9.75
C GLU B 456 -44.25 5.45 -10.48
N CYS B 457 -44.35 5.52 -11.81
CA CYS B 457 -44.26 4.35 -12.68
C CYS B 457 -45.32 3.31 -12.35
N GLY B 458 -46.54 3.78 -12.11
CA GLY B 458 -47.67 2.88 -11.93
C GLY B 458 -47.77 2.26 -10.54
N VAL B 459 -46.70 1.59 -10.11
CA VAL B 459 -46.75 0.91 -8.81
C VAL B 459 -46.55 1.91 -7.69
N CYS B 460 -47.46 1.84 -6.72
CA CYS B 460 -47.43 2.87 -5.66
C CYS B 460 -46.34 2.58 -4.62
N ARG B 461 -45.18 3.22 -4.75
CA ARG B 461 -44.06 3.10 -3.84
C ARG B 461 -44.30 4.01 -2.65
N CYS B 462 -44.18 3.46 -1.45
CA CYS B 462 -44.78 4.04 -0.26
C CYS B 462 -44.16 3.44 1.00
N GLY B 463 -44.34 4.16 2.11
CA GLY B 463 -43.64 3.85 3.34
C GLY B 463 -44.16 2.61 4.03
N PRO B 464 -43.37 2.12 4.98
CA PRO B 464 -43.66 0.81 5.59
C PRO B 464 -45.03 0.71 6.26
N GLY B 465 -45.55 1.84 6.75
CA GLY B 465 -46.90 1.85 7.33
C GLY B 465 -47.94 1.48 6.27
N TRP B 466 -48.15 2.37 5.30
CA TRP B 466 -49.15 2.12 4.23
C TRP B 466 -48.53 1.35 3.08
N LEU B 467 -48.69 0.02 3.07
CA LEU B 467 -48.18 -0.80 1.94
C LEU B 467 -49.37 -1.41 1.20
N GLY B 468 -49.13 -2.37 0.30
CA GLY B 468 -50.23 -2.93 -0.46
C GLY B 468 -50.27 -2.36 -1.87
N SER B 469 -51.26 -2.83 -2.63
CA SER B 469 -51.43 -2.33 -3.98
C SER B 469 -51.75 -0.84 -3.99
N GLN B 470 -52.60 -0.40 -3.07
CA GLN B 470 -52.99 1.01 -2.98
C GLN B 470 -52.38 1.72 -1.77
N CYS B 471 -51.22 1.21 -1.31
CA CYS B 471 -50.46 1.91 -0.25
C CYS B 471 -51.44 2.44 0.83
N GLU B 472 -52.19 1.54 1.47
CA GLU B 472 -53.19 1.98 2.47
C GLU B 472 -53.19 1.01 3.67
N CYS B 473 -52.23 0.08 3.71
CA CYS B 473 -52.22 -0.94 4.80
C CYS B 473 -52.21 -0.25 6.17
N SER B 474 -51.35 0.77 6.35
CA SER B 474 -51.26 1.53 7.63
C SER B 474 -50.69 0.66 8.75
N GLU B 475 -50.40 -0.62 8.45
CA GLU B 475 -49.84 -1.56 9.45
C GLU B 475 -48.67 -2.36 8.85
N GLU B 476 -48.87 -3.67 8.58
CA GLU B 476 -47.74 -4.52 8.11
C GLU B 476 -47.94 -5.00 6.65
N ASP B 477 -49.20 -5.13 6.18
CA ASP B 477 -49.52 -5.54 4.78
C ASP B 477 -49.79 -7.05 4.70
N TYR B 478 -49.37 -7.83 5.69
CA TYR B 478 -49.55 -9.30 5.57
C TYR B 478 -50.88 -9.68 6.22
N ARG B 479 -50.88 -9.81 7.55
CA ARG B 479 -52.13 -10.14 8.29
C ARG B 479 -53.20 -9.06 8.03
N PRO B 480 -52.92 -7.74 8.17
CA PRO B 480 -53.95 -6.73 7.97
C PRO B 480 -54.17 -6.42 6.51
N SER B 481 -53.38 -7.06 5.63
CA SER B 481 -53.46 -6.78 4.17
C SER B 481 -53.31 -5.28 3.94
N GLN B 482 -53.91 -4.74 2.87
CA GLN B 482 -53.87 -3.28 2.64
C GLN B 482 -55.27 -2.71 2.87
N GLN B 483 -56.29 -3.33 2.28
CA GLN B 483 -57.70 -2.87 2.49
C GLN B 483 -58.57 -4.11 2.72
N ASP B 484 -58.21 -4.94 3.70
CA ASP B 484 -58.98 -6.20 3.98
C ASP B 484 -59.62 -6.70 2.68
N GLU B 485 -58.84 -6.75 1.60
CA GLU B 485 -59.37 -7.24 0.29
C GLU B 485 -59.72 -8.73 0.43
N CYS B 486 -59.08 -9.42 1.37
CA CYS B 486 -59.43 -10.84 1.62
C CYS B 486 -60.93 -10.96 1.81
N SER B 487 -61.52 -10.06 2.61
CA SER B 487 -63.00 -10.06 2.80
C SER B 487 -63.65 -9.17 1.73
N PRO B 488 -64.20 -9.74 0.63
CA PRO B 488 -64.76 -8.92 -0.43
C PRO B 488 -65.93 -8.10 0.10
N ARG B 489 -65.80 -6.77 0.04
CA ARG B 489 -66.88 -5.88 0.53
C ARG B 489 -67.39 -6.39 1.90
N GLU B 490 -68.68 -6.66 2.00
CA GLU B 490 -69.26 -7.18 3.27
C GLU B 490 -70.10 -8.43 2.95
N GLY B 491 -70.29 -9.31 3.95
CA GLY B 491 -71.08 -10.54 3.75
C GLY B 491 -70.21 -11.67 3.25
N GLN B 492 -68.98 -11.36 2.80
CA GLN B 492 -68.04 -12.40 2.33
C GLN B 492 -66.80 -12.40 3.23
N PRO B 493 -66.66 -13.36 4.18
CA PRO B 493 -65.51 -13.39 5.07
C PRO B 493 -64.30 -14.00 4.39
N VAL B 494 -63.13 -13.39 4.58
CA VAL B 494 -61.86 -13.92 3.97
C VAL B 494 -62.20 -14.73 2.70
N CYS B 495 -62.69 -14.07 1.65
CA CYS B 495 -63.03 -14.75 0.38
C CYS B 495 -63.92 -15.97 0.69
N SER B 496 -65.08 -15.74 1.32
CA SER B 496 -65.99 -16.85 1.68
C SER B 496 -65.22 -17.97 2.40
N GLN B 497 -64.34 -17.61 3.34
CA GLN B 497 -63.63 -18.61 4.14
C GLN B 497 -62.78 -19.53 3.26
N ARG B 498 -62.17 -18.95 2.22
CA ARG B 498 -61.27 -19.72 1.33
C ARG B 498 -59.86 -19.11 1.42
N GLY B 499 -59.72 -17.83 1.09
CA GLY B 499 -58.40 -17.17 1.14
C GLY B 499 -58.34 -16.15 2.26
N GLU B 500 -57.41 -16.31 3.21
CA GLU B 500 -57.35 -15.41 4.39
C GLU B 500 -56.56 -14.13 4.03
N CYS B 501 -56.44 -13.23 5.01
CA CYS B 501 -55.65 -12.03 4.67
C CYS B 501 -54.17 -12.32 4.82
N LEU B 502 -53.58 -12.67 3.69
CA LEU B 502 -52.13 -12.98 3.67
C LEU B 502 -51.49 -12.39 2.40
N CYS B 503 -50.19 -12.14 2.44
CA CYS B 503 -49.47 -11.59 1.28
C CYS B 503 -50.21 -10.41 0.64
N GLY B 504 -50.97 -9.69 1.46
CA GLY B 504 -51.69 -8.50 0.97
C GLY B 504 -52.60 -8.85 -0.20
N GLN B 505 -53.32 -9.96 -0.09
CA GLN B 505 -54.28 -10.36 -1.15
C GLN B 505 -55.45 -11.14 -0.52
N CYS B 506 -56.55 -11.30 -1.26
CA CYS B 506 -57.72 -12.05 -0.75
C CYS B 506 -57.22 -13.24 0.10
#